data_7QE4
#
_entry.id   7QE4
#
_cell.length_a   57.158
_cell.length_b   59.254
_cell.length_c   209.612
_cell.angle_alpha   90.000
_cell.angle_beta   90.000
_cell.angle_gamma   90.000
#
_symmetry.space_group_name_H-M   'P 21 21 21'
#
loop_
_entity.id
_entity.type
_entity.pdbx_description
1 polymer Sarol-1
2 non-polymer 2-acetamido-2-deoxy-alpha-D-galactopyranose
3 non-polymer 2-acetamido-2-deoxy-beta-D-galactopyranose
4 non-polymer 'CHLORIDE ION'
5 non-polymer 'SODIUM ION'
6 water water
#
_entity_poly.entity_id   1
_entity_poly.type   'polypeptide(L)'
_entity_poly.pdbx_seq_one_letter_code
;MGSSHHHHHHSSGENLYFQGHMSSTFEPATDSPLPVPGVQYFLQHVQSGKYVHPHGGSDMPGNDTALVLHHGFDEKRDAL
RWVFVNDAENKHQLKHYSSGKFVHPKGGKVGKEATLVVHSSPGRPETMIEMVQEDGRTYLRHTDSDYYVHPHGGSPNPGD
NTRLVYYSGYRPSLAFLAIPAETLFVDRIEIHQAQALESINTITSLSDEHRNDTDQPVQTSISVALEESLQDSAQLSFER
CFGLKVGSEFEVGLPLVGKTKVSVQFSGSWKSSTIKGEVRTSAVKVQINEHVTIPPGKCVQIRIDTRRCTKTAPATMYLR
TASGIEVQRETTVTSTYHYDQEVHVVPVTN
;
_entity_poly.pdbx_strand_id   AAA,BBB
#
loop_
_chem_comp.id
_chem_comp.type
_chem_comp.name
_chem_comp.formula
A2G D-saccharide, alpha linking 2-acetamido-2-deoxy-alpha-D-galactopyranose 'C8 H15 N O6'
CL non-polymer 'CHLORIDE ION' 'Cl -1'
NA non-polymer 'SODIUM ION' 'Na 1'
NGA D-saccharide, beta linking 2-acetamido-2-deoxy-beta-D-galactopyranose 'C8 H15 N O6'
#
# COMPACT_ATOMS: atom_id res chain seq x y z
N SER A 24 14.88 19.70 6.16
CA SER A 24 15.35 21.11 6.00
C SER A 24 15.10 21.57 4.56
N THR A 25 14.88 22.88 4.36
CA THR A 25 14.62 23.53 3.05
C THR A 25 15.91 23.53 2.23
N PHE A 26 15.83 23.34 0.91
CA PHE A 26 16.96 23.54 -0.03
C PHE A 26 17.53 24.96 0.20
N GLU A 27 18.83 25.08 0.44
CA GLU A 27 19.53 26.37 0.63
C GLU A 27 20.56 26.52 -0.48
N PRO A 28 20.27 27.27 -1.58
CA PRO A 28 21.09 27.25 -2.79
C PRO A 28 22.58 27.49 -2.53
N ALA A 29 22.93 28.27 -1.51
CA ALA A 29 24.33 28.67 -1.26
C ALA A 29 25.16 27.51 -0.68
N THR A 30 24.57 26.67 0.19
CA THR A 30 25.24 25.50 0.84
C THR A 30 24.96 24.20 0.08
N ASP A 31 23.90 24.14 -0.73
CA ASP A 31 23.42 22.88 -1.34
C ASP A 31 23.63 22.86 -2.86
N SER A 32 24.20 23.91 -3.48
CA SER A 32 24.34 23.98 -4.95
C SER A 32 25.21 22.81 -5.42
N PRO A 33 24.74 22.00 -6.40
CA PRO A 33 25.55 20.90 -6.91
C PRO A 33 26.55 21.37 -7.98
N LEU A 34 27.68 20.69 -8.09
CA LEU A 34 28.61 20.86 -9.23
C LEU A 34 27.97 20.21 -10.45
N PRO A 35 27.95 20.90 -11.60
CA PRO A 35 27.31 20.35 -12.79
C PRO A 35 28.08 19.16 -13.36
N VAL A 36 27.34 18.21 -13.90
CA VAL A 36 27.87 17.02 -14.63
C VAL A 36 28.07 17.43 -16.08
N PRO A 37 29.28 17.26 -16.66
CA PRO A 37 29.49 17.63 -18.06
C PRO A 37 28.55 16.86 -19.01
N GLY A 38 28.03 17.56 -20.01
CA GLY A 38 27.20 16.94 -21.06
C GLY A 38 25.71 16.97 -20.78
N VAL A 39 25.32 17.41 -19.57
CA VAL A 39 23.90 17.55 -19.11
C VAL A 39 23.49 19.02 -19.27
N GLN A 40 22.23 19.25 -19.64
CA GLN A 40 21.67 20.62 -19.77
C GLN A 40 21.41 21.21 -18.39
N TYR A 41 21.79 22.46 -18.20
CA TYR A 41 21.53 23.25 -16.97
C TYR A 41 20.99 24.63 -17.31
N PHE A 42 20.16 25.16 -16.43
CA PHE A 42 19.92 26.62 -16.28
C PHE A 42 20.99 27.14 -15.34
N LEU A 43 21.43 28.37 -15.49
CA LEU A 43 22.39 28.99 -14.56
C LEU A 43 21.69 30.16 -13.87
N GLN A 44 21.65 30.13 -12.54
CA GLN A 44 20.99 31.20 -11.74
C GLN A 44 22.00 31.88 -10.82
N HIS A 45 22.03 33.20 -10.89
CA HIS A 45 22.77 34.06 -9.95
C HIS A 45 22.01 34.01 -8.62
N VAL A 46 22.61 33.41 -7.60
CA VAL A 46 21.87 32.98 -6.37
C VAL A 46 21.35 34.24 -5.67
N GLN A 47 22.20 35.24 -5.56
CA GLN A 47 21.85 36.42 -4.71
C GLN A 47 20.65 37.18 -5.31
N SER A 48 20.57 37.35 -6.63
CA SER A 48 19.50 38.14 -7.31
C SER A 48 18.35 37.22 -7.70
N GLY A 49 18.61 35.94 -7.87
CA GLY A 49 17.68 34.97 -8.46
C GLY A 49 17.54 35.14 -9.97
N LYS A 50 18.37 35.98 -10.60
CA LYS A 50 18.28 36.16 -12.08
C LYS A 50 19.04 35.04 -12.79
N TYR A 51 18.59 34.69 -13.99
CA TYR A 51 19.18 33.61 -14.79
C TYR A 51 20.18 34.19 -15.78
N VAL A 52 21.02 33.30 -16.31
CA VAL A 52 21.96 33.64 -17.40
C VAL A 52 21.23 33.45 -18.74
N HIS A 53 21.13 34.54 -19.47
CA HIS A 53 20.49 34.61 -20.80
C HIS A 53 21.50 35.10 -21.82
N PRO A 54 21.39 34.71 -23.10
CA PRO A 54 22.02 35.48 -24.14
C PRO A 54 21.22 36.79 -24.27
N HIS A 55 21.91 37.91 -24.40
CA HIS A 55 21.26 39.21 -24.60
C HIS A 55 20.35 39.12 -25.83
N GLY A 56 19.09 39.52 -25.69
CA GLY A 56 18.09 39.47 -26.77
C GLY A 56 17.27 38.20 -26.71
N GLY A 57 17.74 37.18 -25.99
CA GLY A 57 16.98 35.98 -25.65
C GLY A 57 16.83 35.00 -26.80
N SER A 58 17.64 35.10 -27.85
CA SER A 58 17.52 34.23 -29.05
C SER A 58 17.96 32.79 -28.75
N ASP A 59 17.30 31.84 -29.41
CA ASP A 59 17.79 30.44 -29.51
C ASP A 59 19.03 30.38 -30.40
N MET A 60 19.25 31.38 -31.25
N MET A 60 19.25 31.37 -31.26
CA MET A 60 20.44 31.46 -32.14
CA MET A 60 20.46 31.45 -32.14
C MET A 60 21.11 32.82 -31.97
C MET A 60 21.11 32.82 -31.97
N PRO A 61 21.76 33.06 -30.82
CA PRO A 61 22.45 34.32 -30.60
C PRO A 61 23.60 34.48 -31.58
N GLY A 62 23.87 35.72 -31.95
CA GLY A 62 24.96 36.09 -32.88
C GLY A 62 26.30 35.96 -32.20
N ASN A 63 27.36 35.80 -32.98
CA ASN A 63 28.73 35.85 -32.45
C ASN A 63 28.94 37.16 -31.71
N ASP A 64 29.58 37.09 -30.55
CA ASP A 64 29.91 38.24 -29.66
C ASP A 64 28.63 38.78 -29.00
N THR A 65 27.53 38.01 -28.96
CA THR A 65 26.38 38.38 -28.12
C THR A 65 26.75 38.16 -26.66
N ALA A 66 26.52 39.17 -25.81
CA ALA A 66 26.87 39.09 -24.37
C ALA A 66 25.96 38.12 -23.65
N LEU A 67 26.54 37.43 -22.67
CA LEU A 67 25.76 36.77 -21.61
C LEU A 67 25.28 37.85 -20.65
N VAL A 68 24.01 37.82 -20.24
CA VAL A 68 23.48 38.80 -19.26
C VAL A 68 22.70 38.07 -18.18
N LEU A 69 22.45 38.77 -17.08
CA LEU A 69 21.48 38.33 -16.07
C LEU A 69 20.12 38.94 -16.39
N HIS A 70 19.07 38.15 -16.21
CA HIS A 70 17.68 38.59 -16.49
C HIS A 70 16.77 37.77 -15.61
N HIS A 71 15.74 38.41 -15.04
CA HIS A 71 14.80 37.73 -14.13
C HIS A 71 13.97 36.70 -14.88
N GLY A 72 13.85 36.85 -16.20
CA GLY A 72 12.99 36.02 -17.04
C GLY A 72 13.32 34.56 -16.93
N PHE A 73 12.30 33.71 -16.82
CA PHE A 73 12.52 32.26 -16.77
C PHE A 73 11.31 31.52 -17.33
N ASP A 74 11.61 30.55 -18.18
CA ASP A 74 10.63 29.59 -18.74
C ASP A 74 11.40 28.29 -18.99
N GLU A 75 11.03 27.24 -18.24
CA GLU A 75 11.66 25.91 -18.33
C GLU A 75 11.64 25.43 -19.79
N LYS A 76 10.69 25.88 -20.62
CA LYS A 76 10.55 25.38 -22.01
C LYS A 76 11.49 26.13 -22.97
N ARG A 77 12.14 27.20 -22.53
CA ARG A 77 13.04 28.01 -23.41
C ARG A 77 14.43 27.37 -23.51
N ASP A 78 14.73 26.70 -24.63
CA ASP A 78 16.06 26.11 -24.85
C ASP A 78 17.16 27.18 -24.85
N ALA A 79 16.84 28.43 -25.19
CA ALA A 79 17.82 29.54 -25.20
C ALA A 79 18.44 29.75 -23.82
N LEU A 80 17.82 29.26 -22.75
CA LEU A 80 18.31 29.46 -21.36
C LEU A 80 19.15 28.26 -20.90
N ARG A 81 19.35 27.24 -21.74
CA ARG A 81 20.08 26.03 -21.37
C ARG A 81 21.57 26.16 -21.74
N TRP A 82 22.41 25.64 -20.87
CA TRP A 82 23.90 25.67 -20.97
C TRP A 82 24.43 24.27 -20.66
N VAL A 83 25.52 23.89 -21.30
CA VAL A 83 26.14 22.55 -21.12
C VAL A 83 27.63 22.75 -20.87
N PHE A 84 28.13 22.24 -19.75
CA PHE A 84 29.56 22.24 -19.43
C PHE A 84 30.18 21.11 -20.24
N VAL A 85 31.29 21.42 -20.87
CA VAL A 85 32.02 20.42 -21.71
C VAL A 85 33.42 20.26 -21.13
N ASN A 86 33.88 19.01 -21.02
CA ASN A 86 35.26 18.74 -20.57
C ASN A 86 35.73 17.44 -21.21
N ASP A 87 36.22 17.53 -22.43
CA ASP A 87 36.73 16.34 -23.17
C ASP A 87 38.04 16.72 -23.86
N ALA A 88 38.67 15.76 -24.54
CA ALA A 88 40.01 15.94 -25.15
C ALA A 88 40.01 17.11 -26.14
N GLU A 89 38.88 17.35 -26.82
CA GLU A 89 38.74 18.39 -27.86
C GLU A 89 38.28 19.73 -27.27
N ASN A 90 37.65 19.72 -26.09
CA ASN A 90 37.13 20.97 -25.46
C ASN A 90 37.37 20.86 -23.94
N LYS A 91 38.52 21.32 -23.44
CA LYS A 91 38.88 21.17 -22.01
C LYS A 91 38.32 22.37 -21.23
N HIS A 92 37.46 22.11 -20.24
CA HIS A 92 36.83 23.13 -19.35
C HIS A 92 36.21 24.27 -20.19
N GLN A 93 35.13 23.97 -20.90
CA GLN A 93 34.43 24.99 -21.72
C GLN A 93 32.94 24.96 -21.39
N LEU A 94 32.19 25.95 -21.88
CA LEU A 94 30.75 26.06 -21.59
C LEU A 94 30.03 26.33 -22.90
N LYS A 95 29.01 25.54 -23.20
CA LYS A 95 28.30 25.61 -24.50
C LYS A 95 26.88 26.15 -24.28
N HIS A 96 26.44 27.04 -25.16
CA HIS A 96 25.01 27.47 -25.27
C HIS A 96 24.26 26.32 -25.94
N TYR A 97 23.32 25.68 -25.25
CA TYR A 97 22.65 24.45 -25.74
C TYR A 97 21.99 24.66 -27.11
N SER A 98 21.14 25.68 -27.26
CA SER A 98 20.26 25.79 -28.46
C SER A 98 21.09 26.13 -29.71
N SER A 99 22.22 26.84 -29.55
CA SER A 99 23.06 27.36 -30.66
C SER A 99 24.28 26.47 -30.91
N GLY A 100 24.76 25.74 -29.89
CA GLY A 100 26.05 25.02 -29.98
C GLY A 100 27.25 25.96 -29.88
N LYS A 101 27.03 27.27 -29.67
CA LYS A 101 28.13 28.25 -29.55
C LYS A 101 28.78 28.10 -28.17
N PHE A 102 30.06 28.46 -28.07
CA PHE A 102 30.79 28.40 -26.79
C PHE A 102 30.83 29.77 -26.12
N VAL A 103 31.05 29.76 -24.81
CA VAL A 103 31.16 31.02 -24.03
C VAL A 103 32.63 31.45 -24.02
N HIS A 104 32.90 32.59 -24.64
CA HIS A 104 34.25 33.17 -24.78
C HIS A 104 34.35 34.49 -24.05
N PRO A 105 35.57 34.91 -23.71
CA PRO A 105 35.84 36.28 -23.30
C PRO A 105 35.87 37.12 -24.59
N LYS A 106 35.19 38.25 -24.61
CA LYS A 106 35.14 39.13 -25.80
C LYS A 106 36.56 39.56 -26.15
N GLY A 107 36.99 39.34 -27.39
CA GLY A 107 38.35 39.66 -27.83
C GLY A 107 39.27 38.46 -27.79
N GLY A 108 38.83 37.35 -27.18
CA GLY A 108 39.47 36.04 -27.30
C GLY A 108 40.38 35.65 -26.13
N LYS A 109 40.58 36.50 -25.12
CA LYS A 109 41.37 36.08 -23.95
C LYS A 109 40.77 36.70 -22.69
N VAL A 110 40.77 35.91 -21.63
CA VAL A 110 40.28 36.40 -20.31
C VAL A 110 41.20 37.52 -19.85
N GLY A 111 40.57 38.56 -19.32
CA GLY A 111 41.25 39.69 -18.68
C GLY A 111 40.25 40.49 -17.89
N LYS A 112 40.71 41.47 -17.14
CA LYS A 112 39.82 42.32 -16.33
C LYS A 112 38.71 42.93 -17.21
N GLU A 113 37.44 42.77 -16.80
CA GLU A 113 36.24 43.33 -17.43
C GLU A 113 36.01 42.75 -18.84
N ALA A 114 36.64 41.63 -19.20
CA ALA A 114 36.31 40.97 -20.48
C ALA A 114 34.88 40.43 -20.39
N THR A 115 33.99 40.88 -21.28
CA THR A 115 32.58 40.46 -21.33
C THR A 115 32.50 38.99 -21.74
N LEU A 116 31.69 38.19 -21.05
CA LEU A 116 31.36 36.83 -21.57
C LEU A 116 30.43 36.97 -22.78
N VAL A 117 30.76 36.27 -23.87
CA VAL A 117 29.95 36.30 -25.10
C VAL A 117 29.81 34.87 -25.60
N VAL A 118 28.80 34.65 -26.45
CA VAL A 118 28.72 33.38 -27.23
C VAL A 118 29.45 33.59 -28.55
N HIS A 119 30.05 32.53 -29.05
CA HIS A 119 30.82 32.60 -30.32
C HIS A 119 30.93 31.18 -30.88
N SER A 120 30.72 31.06 -32.19
N SER A 120 30.72 31.07 -32.19
CA SER A 120 30.78 29.80 -32.96
CA SER A 120 30.79 29.82 -32.98
C SER A 120 32.26 29.50 -33.24
C SER A 120 32.27 29.51 -33.25
N SER A 121 32.98 29.12 -32.21
CA SER A 121 34.40 28.73 -32.31
C SER A 121 34.72 27.94 -31.05
N PRO A 122 35.63 26.96 -31.16
CA PRO A 122 35.98 26.14 -30.01
C PRO A 122 36.66 27.01 -28.95
N GLY A 123 36.58 26.59 -27.71
CA GLY A 123 37.36 27.21 -26.62
C GLY A 123 38.86 26.94 -26.76
N ARG A 124 39.64 27.68 -26.00
CA ARG A 124 41.12 27.57 -25.92
C ARG A 124 41.50 27.65 -24.45
N PRO A 125 42.78 27.45 -24.08
CA PRO A 125 43.17 27.58 -22.68
C PRO A 125 42.75 28.94 -22.09
N GLU A 126 42.92 30.01 -22.85
CA GLU A 126 42.67 31.39 -22.37
C GLU A 126 41.16 31.67 -22.36
N THR A 127 40.30 30.70 -22.67
CA THR A 127 38.82 30.86 -22.59
C THR A 127 38.20 29.87 -21.60
N MET A 128 39.00 29.07 -20.91
CA MET A 128 38.43 28.00 -20.06
C MET A 128 37.48 28.60 -19.03
N ILE A 129 36.37 27.91 -18.81
CA ILE A 129 35.37 28.33 -17.81
C ILE A 129 34.80 27.05 -17.21
N GLU A 130 34.67 27.02 -15.89
CA GLU A 130 34.03 25.86 -15.24
C GLU A 130 33.37 26.33 -13.96
N MET A 131 32.47 25.51 -13.44
N MET A 131 32.45 25.52 -13.45
CA MET A 131 31.90 25.75 -12.09
CA MET A 131 31.89 25.75 -12.10
C MET A 131 32.83 25.10 -11.09
C MET A 131 32.83 25.10 -11.09
N VAL A 132 33.17 25.85 -10.03
CA VAL A 132 34.07 25.38 -8.97
C VAL A 132 33.38 25.60 -7.64
N GLN A 133 33.75 24.80 -6.66
CA GLN A 133 33.33 25.05 -5.25
C GLN A 133 34.48 25.74 -4.51
N GLU A 134 34.21 26.89 -3.90
CA GLU A 134 35.22 27.66 -3.12
C GLU A 134 34.52 28.05 -1.83
N ASP A 135 35.05 27.62 -0.68
CA ASP A 135 34.50 28.00 0.65
C ASP A 135 32.99 27.73 0.70
N GLY A 136 32.53 26.58 0.20
CA GLY A 136 31.16 26.09 0.38
C GLY A 136 30.13 26.61 -0.64
N ARG A 137 30.55 27.44 -1.59
N ARG A 137 30.54 27.44 -1.60
CA ARG A 137 29.63 27.95 -2.65
CA ARG A 137 29.62 27.96 -2.65
C ARG A 137 30.19 27.62 -4.02
C ARG A 137 30.19 27.62 -4.02
N THR A 138 29.33 27.68 -5.05
CA THR A 138 29.75 27.37 -6.44
C THR A 138 29.83 28.67 -7.23
N TYR A 139 30.93 28.82 -7.95
CA TYR A 139 31.21 30.02 -8.75
C TYR A 139 31.61 29.60 -10.15
N LEU A 140 31.50 30.51 -11.10
CA LEU A 140 32.06 30.29 -12.45
C LEU A 140 33.46 30.92 -12.46
N ARG A 141 34.44 30.12 -12.83
CA ARG A 141 35.86 30.52 -12.77
C ARG A 141 36.55 30.27 -14.11
N HIS A 142 37.45 31.18 -14.49
CA HIS A 142 38.40 30.93 -15.60
C HIS A 142 39.48 30.00 -15.07
N THR A 143 39.41 28.72 -15.46
CA THR A 143 40.39 27.68 -15.03
C THR A 143 41.82 28.22 -15.18
N ASP A 144 42.66 27.89 -14.21
CA ASP A 144 44.11 28.21 -14.19
C ASP A 144 44.29 29.72 -14.02
N SER A 145 43.33 30.40 -13.42
CA SER A 145 43.45 31.85 -13.13
C SER A 145 42.69 32.17 -11.85
N ASP A 146 42.88 33.39 -11.36
CA ASP A 146 42.06 33.92 -10.24
C ASP A 146 40.95 34.85 -10.78
N TYR A 147 40.57 34.72 -12.06
CA TYR A 147 39.44 35.47 -12.67
C TYR A 147 38.16 34.63 -12.51
N TYR A 148 37.14 35.26 -11.96
CA TYR A 148 35.79 34.69 -11.80
C TYR A 148 34.80 35.49 -12.64
N VAL A 149 33.59 34.95 -12.75
CA VAL A 149 32.47 35.61 -13.47
C VAL A 149 31.73 36.51 -12.47
N HIS A 150 31.69 37.79 -12.79
CA HIS A 150 31.00 38.85 -12.02
C HIS A 150 29.93 39.49 -12.90
N PRO A 151 28.84 40.03 -12.33
CA PRO A 151 28.02 40.97 -13.08
C PRO A 151 28.81 42.27 -13.23
N HIS A 152 28.79 42.87 -14.42
CA HIS A 152 29.45 44.19 -14.64
C HIS A 152 28.91 45.19 -13.62
N GLY A 153 29.80 45.84 -12.89
CA GLY A 153 29.42 46.80 -11.82
C GLY A 153 29.37 46.16 -10.46
N GLY A 154 29.28 44.83 -10.37
CA GLY A 154 29.54 44.10 -9.12
C GLY A 154 28.36 44.08 -8.16
N SER A 155 27.16 44.52 -8.57
CA SER A 155 26.00 44.60 -7.66
C SER A 155 25.65 43.20 -7.17
N PRO A 156 25.27 43.03 -5.89
CA PRO A 156 24.66 41.79 -5.43
C PRO A 156 23.27 41.55 -6.07
N ASN A 157 22.66 42.60 -6.59
CA ASN A 157 21.31 42.55 -7.21
C ASN A 157 21.33 43.34 -8.50
N PRO A 158 22.01 42.81 -9.54
CA PRO A 158 22.12 43.52 -10.80
C PRO A 158 20.76 43.65 -11.49
N GLY A 159 20.59 44.73 -12.25
CA GLY A 159 19.41 45.01 -13.08
C GLY A 159 19.33 44.04 -14.25
N ASP A 160 18.15 43.82 -14.77
CA ASP A 160 17.97 43.03 -16.02
C ASP A 160 18.92 43.55 -17.10
N ASN A 161 19.47 42.61 -17.88
CA ASN A 161 20.37 42.86 -19.03
C ASN A 161 21.74 43.35 -18.58
N THR A 162 22.10 43.18 -17.31
CA THR A 162 23.49 43.42 -16.86
C THR A 162 24.39 42.34 -17.48
N ARG A 163 25.43 42.75 -18.19
CA ARG A 163 26.37 41.78 -18.80
C ARG A 163 27.22 41.10 -17.72
N LEU A 164 27.63 39.87 -17.98
CA LEU A 164 28.63 39.14 -17.17
C LEU A 164 30.03 39.40 -17.73
N VAL A 165 30.98 39.56 -16.83
CA VAL A 165 32.40 39.87 -17.14
C VAL A 165 33.32 39.00 -16.29
N TYR A 166 34.55 38.84 -16.76
CA TYR A 166 35.65 38.25 -15.96
C TYR A 166 36.26 39.37 -15.12
N TYR A 167 36.55 39.04 -13.89
CA TYR A 167 37.16 39.95 -12.92
C TYR A 167 37.88 39.14 -11.86
N SER A 168 39.00 39.66 -11.36
CA SER A 168 39.83 38.96 -10.36
C SER A 168 39.08 38.82 -9.04
N GLY A 169 39.15 37.63 -8.44
CA GLY A 169 38.65 37.36 -7.08
C GLY A 169 37.19 36.97 -7.08
N TYR A 170 36.74 36.48 -5.94
CA TYR A 170 35.35 36.06 -5.75
C TYR A 170 34.88 36.57 -4.40
N ARG A 171 33.56 36.60 -4.27
CA ARG A 171 32.86 36.93 -3.02
C ARG A 171 31.51 36.24 -3.08
N PRO A 172 30.86 35.96 -1.93
CA PRO A 172 29.65 35.15 -1.95
C PRO A 172 28.51 35.58 -2.88
N SER A 173 28.36 36.88 -3.12
CA SER A 173 27.27 37.41 -3.99
C SER A 173 27.47 36.98 -5.44
N LEU A 174 28.65 36.46 -5.82
CA LEU A 174 28.93 36.02 -7.21
C LEU A 174 28.49 34.58 -7.44
N ALA A 175 28.02 33.86 -6.43
CA ALA A 175 27.72 32.42 -6.57
C ALA A 175 26.61 32.17 -7.61
N PHE A 176 26.77 31.07 -8.35
CA PHE A 176 25.79 30.56 -9.33
C PHE A 176 25.26 29.21 -8.86
N LEU A 177 24.03 28.92 -9.25
CA LEU A 177 23.39 27.60 -9.07
C LEU A 177 23.13 27.01 -10.45
N ALA A 178 23.66 25.82 -10.70
CA ALA A 178 23.37 25.06 -11.93
C ALA A 178 22.16 24.16 -11.66
N ILE A 179 21.04 24.52 -12.26
CA ILE A 179 19.73 23.83 -12.09
C ILE A 179 19.59 22.84 -13.23
N PRO A 180 19.41 21.53 -12.97
CA PRO A 180 19.31 20.58 -14.08
C PRO A 180 18.10 20.94 -14.97
N ALA A 181 18.29 20.81 -16.29
CA ALA A 181 17.33 21.31 -17.29
C ALA A 181 16.90 20.19 -18.25
N GLU A 182 17.20 18.94 -17.90
CA GLU A 182 16.69 17.78 -18.66
C GLU A 182 16.47 16.64 -17.68
N THR A 183 15.63 15.70 -18.09
CA THR A 183 15.29 14.52 -17.29
C THR A 183 16.13 13.35 -17.77
N LEU A 184 16.79 12.67 -16.86
CA LEU A 184 17.66 11.51 -17.15
C LEU A 184 16.98 10.24 -16.67
N PHE A 185 17.48 9.12 -17.16
CA PHE A 185 17.05 7.77 -16.71
C PHE A 185 18.15 7.21 -15.84
N VAL A 186 17.84 6.68 -14.65
CA VAL A 186 18.85 5.95 -13.83
C VAL A 186 18.94 4.52 -14.38
N ASP A 187 20.04 4.20 -15.04
CA ASP A 187 20.24 2.88 -15.66
C ASP A 187 20.64 1.88 -14.58
N ARG A 188 21.64 2.22 -13.76
CA ARG A 188 22.10 1.32 -12.68
C ARG A 188 22.90 2.10 -11.66
N ILE A 189 23.05 1.47 -10.50
CA ILE A 189 23.94 1.97 -9.42
C ILE A 189 24.89 0.83 -9.09
N GLU A 190 26.20 1.05 -9.25
CA GLU A 190 27.23 0.02 -8.95
C GLU A 190 27.94 0.40 -7.67
N ILE A 191 27.77 -0.41 -6.63
CA ILE A 191 28.46 -0.31 -5.32
C ILE A 191 29.97 -0.48 -5.52
N HIS A 192 30.79 0.31 -4.81
CA HIS A 192 32.26 0.17 -4.70
C HIS A 192 32.54 -0.72 -3.47
N GLN A 193 32.68 -2.00 -3.73
CA GLN A 193 32.82 -3.03 -2.67
C GLN A 193 34.04 -2.79 -1.77
N ALA A 194 35.09 -2.10 -2.20
CA ALA A 194 36.29 -1.85 -1.37
C ALA A 194 35.89 -1.07 -0.10
N GLN A 195 34.80 -0.29 -0.17
CA GLN A 195 34.35 0.49 1.01
C GLN A 195 32.92 0.07 1.37
N ALA A 196 32.45 -1.09 0.92
CA ALA A 196 31.10 -1.62 1.25
C ALA A 196 31.14 -2.34 2.60
N LEU A 197 30.44 -1.77 3.57
CA LEU A 197 30.50 -2.14 5.01
C LEU A 197 29.14 -2.70 5.40
N GLU A 198 29.11 -3.90 5.95
CA GLU A 198 27.85 -4.52 6.46
C GLU A 198 27.97 -4.71 7.96
N SER A 199 26.97 -4.28 8.70
CA SER A 199 26.81 -4.54 10.15
C SER A 199 25.56 -5.39 10.32
N ILE A 200 25.69 -6.54 10.97
CA ILE A 200 24.54 -7.44 11.25
C ILE A 200 24.12 -7.24 12.71
N ASN A 201 22.82 -7.15 12.93
N ASN A 201 22.82 -7.15 12.93
CA ASN A 201 22.23 -7.01 14.28
CA ASN A 201 22.20 -6.97 14.26
C ASN A 201 21.02 -7.92 14.33
C ASN A 201 21.01 -7.91 14.34
N THR A 202 20.80 -8.54 15.49
CA THR A 202 19.62 -9.38 15.71
C THR A 202 18.59 -8.51 16.39
N ILE A 203 17.38 -8.53 15.85
CA ILE A 203 16.21 -7.88 16.48
C ILE A 203 15.44 -9.01 17.15
N THR A 204 15.28 -8.96 18.47
CA THR A 204 14.60 -10.02 19.25
C THR A 204 13.26 -9.47 19.76
N SER A 205 12.17 -10.12 19.38
CA SER A 205 10.77 -9.70 19.63
C SER A 205 10.08 -10.81 20.43
N LEU A 206 9.39 -10.45 21.51
CA LEU A 206 8.66 -11.43 22.36
C LEU A 206 7.17 -11.15 22.29
N SER A 207 6.39 -12.22 22.27
CA SER A 207 4.92 -12.18 22.43
C SER A 207 4.58 -11.88 23.90
N ASP A 208 3.31 -11.73 24.21
CA ASP A 208 2.82 -11.82 25.60
C ASP A 208 3.14 -13.22 26.13
N GLU A 209 3.18 -13.37 27.45
CA GLU A 209 3.22 -14.70 28.14
C GLU A 209 1.84 -15.36 28.00
N HIS A 210 1.79 -16.63 27.62
CA HIS A 210 0.54 -17.43 27.57
C HIS A 210 0.67 -18.58 28.54
N ARG A 211 -0.24 -18.65 29.52
N ARG A 211 -0.24 -18.65 29.52
CA ARG A 211 -0.23 -19.68 30.58
CA ARG A 211 -0.23 -19.68 30.58
C ARG A 211 -1.46 -20.55 30.41
C ARG A 211 -1.46 -20.55 30.41
N ASN A 212 -1.29 -21.86 30.61
CA ASN A 212 -2.41 -22.83 30.61
C ASN A 212 -2.84 -23.09 32.05
N ASP A 213 -3.88 -22.39 32.52
CA ASP A 213 -4.36 -22.50 33.92
C ASP A 213 -5.49 -23.54 33.97
N THR A 214 -5.53 -24.49 33.01
CA THR A 214 -6.45 -25.66 33.04
C THR A 214 -5.64 -26.92 33.36
N ASP A 215 -6.31 -28.08 33.49
CA ASP A 215 -5.65 -29.35 33.88
C ASP A 215 -5.48 -30.25 32.64
N GLN A 216 -5.58 -29.71 31.44
CA GLN A 216 -5.34 -30.48 30.19
C GLN A 216 -4.51 -29.63 29.25
N PRO A 217 -3.67 -30.24 28.38
CA PRO A 217 -2.91 -29.50 27.38
C PRO A 217 -3.87 -28.73 26.46
N VAL A 218 -3.51 -27.50 26.10
CA VAL A 218 -4.39 -26.60 25.30
C VAL A 218 -3.55 -26.06 24.16
N GLN A 219 -4.02 -26.24 22.91
CA GLN A 219 -3.44 -25.61 21.70
C GLN A 219 -3.85 -24.13 21.71
N THR A 220 -2.87 -23.23 21.75
CA THR A 220 -3.08 -21.79 22.03
C THR A 220 -2.51 -20.98 20.86
N SER A 221 -3.31 -20.03 20.37
CA SER A 221 -2.94 -19.12 19.28
C SER A 221 -2.12 -17.99 19.88
N ILE A 222 -0.92 -17.75 19.36
CA ILE A 222 -0.03 -16.67 19.85
C ILE A 222 0.37 -15.87 18.61
N SER A 223 0.19 -14.54 18.68
CA SER A 223 0.43 -13.61 17.55
C SER A 223 1.45 -12.57 17.97
N VAL A 224 2.24 -12.08 17.01
CA VAL A 224 3.15 -10.93 17.22
C VAL A 224 3.10 -10.07 15.96
N ALA A 225 3.01 -8.76 16.14
CA ALA A 225 3.03 -7.73 15.07
C ALA A 225 4.37 -7.01 15.11
N LEU A 226 5.12 -7.05 13.99
CA LEU A 226 6.53 -6.56 13.95
C LEU A 226 6.74 -5.49 12.88
N GLU A 227 5.68 -4.90 12.34
CA GLU A 227 5.77 -3.96 11.18
C GLU A 227 6.80 -2.84 11.44
N GLU A 228 6.71 -2.15 12.59
CA GLU A 228 7.60 -0.99 12.91
C GLU A 228 9.05 -1.47 13.12
N SER A 229 9.23 -2.61 13.79
CA SER A 229 10.57 -3.14 14.15
C SER A 229 11.36 -3.51 12.91
N LEU A 230 10.70 -4.04 11.87
CA LEU A 230 11.39 -4.73 10.75
C LEU A 230 11.21 -3.94 9.46
N GLN A 231 11.18 -2.60 9.57
CA GLN A 231 11.01 -1.70 8.40
C GLN A 231 12.31 -1.72 7.59
N ASP A 232 12.23 -2.13 6.31
CA ASP A 232 13.40 -2.06 5.40
C ASP A 232 13.46 -0.65 4.80
N SER A 233 14.64 -0.19 4.46
CA SER A 233 14.81 1.16 3.87
C SER A 233 16.10 1.19 3.08
N ALA A 234 16.20 2.14 2.15
CA ALA A 234 17.48 2.41 1.48
C ALA A 234 17.50 3.90 1.18
N GLN A 235 18.68 4.48 1.15
CA GLN A 235 18.83 5.94 0.93
C GLN A 235 20.02 6.15 0.00
N LEU A 236 19.92 7.14 -0.88
CA LEU A 236 21.08 7.69 -1.61
C LEU A 236 21.39 9.04 -0.98
N SER A 237 22.64 9.28 -0.58
CA SER A 237 23.01 10.56 0.08
C SER A 237 24.07 11.29 -0.73
N PHE A 238 24.06 12.61 -0.63
CA PHE A 238 24.95 13.54 -1.37
C PHE A 238 25.37 14.65 -0.41
N GLU A 239 26.62 15.11 -0.52
CA GLU A 239 27.16 16.17 0.36
C GLU A 239 26.35 17.46 0.19
N ARG A 240 26.01 17.81 -1.06
CA ARG A 240 25.23 19.03 -1.38
C ARG A 240 23.80 18.67 -1.76
N CYS A 241 23.59 18.18 -2.98
CA CYS A 241 22.28 17.62 -3.37
C CYS A 241 22.49 16.71 -4.57
N PHE A 242 21.50 15.88 -4.86
CA PHE A 242 21.55 14.94 -5.99
C PHE A 242 21.92 15.73 -7.25
N GLY A 243 21.18 16.80 -7.52
CA GLY A 243 21.54 17.76 -8.58
C GLY A 243 21.07 17.33 -9.95
N LEU A 244 20.33 16.23 -10.08
CA LEU A 244 19.86 15.72 -11.39
C LEU A 244 18.37 15.43 -11.31
N LYS A 245 17.67 15.61 -12.42
CA LYS A 245 16.21 15.29 -12.53
C LYS A 245 16.09 13.92 -13.17
N VAL A 246 15.35 13.01 -12.55
CA VAL A 246 15.21 11.62 -13.07
C VAL A 246 13.74 11.16 -13.05
N GLY A 247 12.80 12.08 -12.89
CA GLY A 247 11.38 11.69 -12.76
C GLY A 247 11.05 11.44 -11.31
N SER A 248 9.79 11.06 -11.05
CA SER A 248 9.18 11.10 -9.70
C SER A 248 9.63 9.87 -8.90
N GLU A 249 9.94 8.79 -9.60
CA GLU A 249 10.33 7.49 -8.99
C GLU A 249 11.24 6.81 -9.99
N PHE A 250 12.16 5.99 -9.50
CA PHE A 250 13.01 5.10 -10.33
C PHE A 250 13.34 3.86 -9.53
N GLU A 251 13.54 2.77 -10.26
CA GLU A 251 13.81 1.42 -9.67
C GLU A 251 15.26 1.04 -9.98
N VAL A 252 15.95 0.49 -8.98
CA VAL A 252 17.32 -0.06 -9.15
C VAL A 252 17.46 -1.29 -8.26
N GLY A 253 18.18 -2.29 -8.76
CA GLY A 253 18.58 -3.45 -7.95
C GLY A 253 19.79 -3.06 -7.12
N LEU A 254 19.75 -3.30 -5.79
CA LEU A 254 20.89 -2.98 -4.89
C LEU A 254 21.20 -4.20 -4.04
N PRO A 255 22.50 -4.49 -3.80
CA PRO A 255 22.88 -5.62 -2.94
C PRO A 255 22.74 -5.24 -1.46
N LEU A 256 21.57 -5.51 -0.89
CA LEU A 256 21.24 -5.05 0.48
C LEU A 256 21.84 -6.00 1.52
N VAL A 257 22.10 -7.24 1.14
CA VAL A 257 22.83 -8.19 2.02
C VAL A 257 23.63 -9.13 1.11
N GLY A 258 24.95 -9.16 1.31
CA GLY A 258 25.86 -9.86 0.39
C GLY A 258 25.68 -9.30 -1.01
N LYS A 259 25.68 -10.16 -2.02
CA LYS A 259 25.81 -9.75 -3.45
C LYS A 259 24.44 -9.73 -4.15
N THR A 260 23.44 -10.40 -3.59
CA THR A 260 22.13 -10.59 -4.27
C THR A 260 21.42 -9.23 -4.34
N LYS A 261 21.01 -8.84 -5.54
CA LYS A 261 20.27 -7.58 -5.80
C LYS A 261 18.83 -7.71 -5.29
N VAL A 262 18.35 -6.65 -4.63
CA VAL A 262 16.94 -6.45 -4.23
C VAL A 262 16.44 -5.19 -4.93
N SER A 263 15.23 -5.23 -5.44
CA SER A 263 14.58 -4.10 -6.14
C SER A 263 14.23 -3.02 -5.12
N VAL A 264 14.66 -1.80 -5.37
CA VAL A 264 14.35 -0.63 -4.49
C VAL A 264 13.75 0.46 -5.38
N GLN A 265 12.65 1.06 -4.93
CA GLN A 265 12.01 2.19 -5.65
C GLN A 265 12.38 3.47 -4.91
N PHE A 266 13.10 4.37 -5.57
CA PHE A 266 13.51 5.66 -5.00
C PHE A 266 12.62 6.77 -5.54
N SER A 267 12.35 7.77 -4.71
N SER A 267 12.37 7.79 -4.71
CA SER A 267 11.58 8.97 -5.10
CA SER A 267 11.58 8.97 -5.09
C SER A 267 12.21 10.16 -4.39
C SER A 267 12.20 10.17 -4.39
N GLY A 268 12.58 11.18 -5.15
CA GLY A 268 12.98 12.47 -4.56
C GLY A 268 13.02 13.50 -5.64
N SER A 269 13.78 14.54 -5.37
CA SER A 269 13.93 15.76 -6.19
C SER A 269 15.42 15.98 -6.36
N TRP A 270 15.80 16.73 -7.40
CA TRP A 270 17.22 17.10 -7.61
C TRP A 270 17.76 17.86 -6.40
N LYS A 271 16.91 18.53 -5.64
CA LYS A 271 17.32 19.37 -4.48
C LYS A 271 17.60 18.53 -3.22
N SER A 272 17.22 17.25 -3.24
N SER A 272 17.21 17.25 -3.24
CA SER A 272 17.36 16.37 -2.05
CA SER A 272 17.34 16.33 -2.07
C SER A 272 18.83 16.02 -1.82
C SER A 272 18.83 16.02 -1.82
N SER A 273 19.26 16.07 -0.56
CA SER A 273 20.58 15.55 -0.12
C SER A 273 20.44 14.08 0.31
N THR A 274 19.21 13.62 0.53
CA THR A 274 18.90 12.19 0.83
C THR A 274 17.69 11.75 0.01
N ILE A 275 17.87 10.78 -0.89
CA ILE A 275 16.76 10.22 -1.70
C ILE A 275 16.30 8.92 -1.04
N LYS A 276 15.07 8.90 -0.55
CA LYS A 276 14.54 7.75 0.22
C LYS A 276 14.08 6.66 -0.74
N GLY A 277 14.36 5.40 -0.39
CA GLY A 277 13.95 4.24 -1.21
C GLY A 277 13.09 3.27 -0.42
N GLU A 278 12.11 2.67 -1.10
CA GLU A 278 11.19 1.65 -0.55
C GLU A 278 11.63 0.27 -1.05
N VAL A 279 11.64 -0.72 -0.17
CA VAL A 279 11.87 -2.14 -0.56
C VAL A 279 10.48 -2.79 -0.61
N ARG A 280 9.98 -3.16 -1.80
CA ARG A 280 8.57 -3.58 -2.00
C ARG A 280 8.37 -5.02 -1.51
N THR A 281 9.36 -5.89 -1.74
CA THR A 281 9.26 -7.32 -1.41
C THR A 281 10.03 -7.57 -0.12
N SER A 282 9.32 -7.87 0.96
CA SER A 282 9.92 -8.24 2.27
C SER A 282 10.41 -9.68 2.18
N ALA A 283 11.54 -9.99 2.81
CA ALA A 283 12.13 -11.35 2.84
C ALA A 283 11.71 -12.10 4.12
N VAL A 284 11.10 -11.42 5.09
CA VAL A 284 10.73 -12.00 6.41
C VAL A 284 9.24 -11.72 6.65
N LYS A 285 8.69 -12.19 7.77
CA LYS A 285 7.27 -11.91 8.14
C LYS A 285 7.19 -10.79 9.18
N VAL A 286 6.18 -9.93 9.07
CA VAL A 286 5.91 -8.84 10.05
C VAL A 286 4.65 -9.18 10.85
N GLN A 287 3.88 -10.19 10.42
CA GLN A 287 2.76 -10.79 11.22
C GLN A 287 3.11 -12.25 11.51
N ILE A 288 3.25 -12.57 12.78
CA ILE A 288 3.59 -13.96 13.21
C ILE A 288 2.38 -14.54 13.91
N ASN A 289 1.91 -15.70 13.47
CA ASN A 289 0.74 -16.40 14.07
C ASN A 289 1.14 -17.85 14.28
N GLU A 290 1.40 -18.22 15.53
CA GLU A 290 1.82 -19.59 15.91
C GLU A 290 0.69 -20.24 16.72
N HIS A 291 0.56 -21.55 16.59
CA HIS A 291 -0.39 -22.40 17.36
C HIS A 291 0.43 -23.34 18.24
N VAL A 292 0.43 -23.13 19.55
CA VAL A 292 1.36 -23.79 20.50
C VAL A 292 0.56 -24.67 21.45
N THR A 293 0.91 -25.94 21.61
CA THR A 293 0.32 -26.80 22.67
C THR A 293 1.03 -26.52 23.99
N ILE A 294 0.32 -25.94 24.95
CA ILE A 294 0.88 -25.58 26.28
C ILE A 294 0.41 -26.65 27.26
N PRO A 295 1.34 -27.38 27.91
CA PRO A 295 0.96 -28.33 28.95
C PRO A 295 0.30 -27.64 30.14
N PRO A 296 -0.48 -28.37 30.96
CA PRO A 296 -1.10 -27.82 32.16
C PRO A 296 -0.09 -27.11 33.08
N GLY A 297 -0.44 -25.91 33.56
CA GLY A 297 0.35 -25.17 34.56
C GLY A 297 1.53 -24.44 33.95
N LYS A 298 1.80 -24.62 32.66
CA LYS A 298 3.02 -24.11 31.98
C LYS A 298 2.72 -22.80 31.26
N CYS A 299 3.76 -22.00 31.10
CA CYS A 299 3.71 -20.65 30.51
C CYS A 299 4.78 -20.54 29.43
N VAL A 300 4.42 -20.03 28.26
CA VAL A 300 5.38 -19.89 27.13
C VAL A 300 5.23 -18.50 26.52
N GLN A 301 6.21 -18.15 25.71
CA GLN A 301 6.18 -16.98 24.82
C GLN A 301 6.68 -17.44 23.46
N ILE A 302 6.31 -16.70 22.40
CA ILE A 302 6.97 -16.79 21.07
C ILE A 302 8.13 -15.80 21.08
N ARG A 303 9.29 -16.24 20.63
CA ARG A 303 10.48 -15.38 20.47
C ARG A 303 10.76 -15.32 18.98
N ILE A 304 10.84 -14.11 18.46
CA ILE A 304 11.21 -13.90 17.03
C ILE A 304 12.62 -13.32 17.02
N ASP A 305 13.52 -13.94 16.27
CA ASP A 305 14.88 -13.39 16.04
C ASP A 305 14.96 -13.04 14.56
N THR A 306 15.16 -11.76 14.25
CA THR A 306 15.23 -11.30 12.85
C THR A 306 16.60 -10.68 12.61
N ARG A 307 17.30 -11.14 11.58
CA ARG A 307 18.64 -10.62 11.26
C ARG A 307 18.47 -9.36 10.40
N ARG A 308 19.17 -8.30 10.79
CA ARG A 308 19.13 -7.00 10.11
C ARG A 308 20.53 -6.72 9.57
N CYS A 309 20.62 -6.38 8.29
CA CYS A 309 21.88 -5.93 7.66
C CYS A 309 21.80 -4.42 7.43
N THR A 310 22.64 -3.66 8.12
CA THR A 310 22.80 -2.21 7.92
C THR A 310 24.05 -2.05 7.08
N LYS A 311 23.91 -1.44 5.91
CA LYS A 311 24.99 -1.46 4.91
C LYS A 311 25.26 -0.03 4.47
N THR A 312 26.52 0.32 4.29
CA THR A 312 26.90 1.61 3.69
C THR A 312 27.95 1.35 2.62
N ALA A 313 27.85 2.03 1.49
CA ALA A 313 28.82 1.83 0.41
C ALA A 313 28.82 3.06 -0.48
N PRO A 314 30.00 3.58 -0.83
CA PRO A 314 30.10 4.49 -1.96
C PRO A 314 29.60 3.76 -3.20
N ALA A 315 29.10 4.50 -4.18
CA ALA A 315 28.59 3.88 -5.42
C ALA A 315 28.63 4.89 -6.56
N THR A 316 28.57 4.39 -7.78
CA THR A 316 28.46 5.22 -9.00
C THR A 316 27.07 5.01 -9.58
N MET A 317 26.33 6.10 -9.78
CA MET A 317 25.05 6.07 -10.52
C MET A 317 25.38 6.27 -12.00
N TYR A 318 24.85 5.40 -12.85
CA TYR A 318 24.97 5.50 -14.33
C TYR A 318 23.62 5.95 -14.85
N LEU A 319 23.57 7.13 -15.45
CA LEU A 319 22.33 7.71 -15.98
C LEU A 319 22.47 7.87 -17.49
N ARG A 320 21.32 7.89 -18.17
CA ARG A 320 21.25 8.10 -19.63
C ARG A 320 20.40 9.32 -19.94
N THR A 321 20.84 10.15 -20.88
CA THR A 321 20.01 11.17 -21.52
C THR A 321 18.98 10.48 -22.44
N ALA A 322 17.96 11.21 -22.89
CA ALA A 322 16.92 10.68 -23.80
C ALA A 322 17.57 10.13 -25.08
N SER A 323 18.70 10.71 -25.51
CA SER A 323 19.41 10.26 -26.75
C SER A 323 20.39 9.13 -26.43
N GLY A 324 20.51 8.73 -25.16
CA GLY A 324 21.27 7.54 -24.75
C GLY A 324 22.73 7.83 -24.46
N ILE A 325 23.06 9.10 -24.16
CA ILE A 325 24.42 9.47 -23.67
C ILE A 325 24.51 9.08 -22.19
N GLU A 326 25.58 8.40 -21.80
CA GLU A 326 25.78 7.95 -20.40
C GLU A 326 26.55 9.03 -19.64
N VAL A 327 26.02 9.41 -18.48
CA VAL A 327 26.74 10.26 -17.50
C VAL A 327 26.77 9.53 -16.15
N GLN A 328 27.59 10.03 -15.23
CA GLN A 328 27.80 9.38 -13.92
C GLN A 328 27.71 10.40 -12.80
N ARG A 329 27.34 9.91 -11.64
CA ARG A 329 27.17 10.67 -10.39
C ARG A 329 27.58 9.76 -9.25
N GLU A 330 28.47 10.21 -8.38
CA GLU A 330 28.84 9.45 -7.16
C GLU A 330 27.74 9.63 -6.11
N THR A 331 27.52 8.61 -5.30
CA THR A 331 26.57 8.69 -4.17
C THR A 331 27.08 7.77 -3.05
N THR A 332 26.41 7.85 -1.90
CA THR A 332 26.58 6.86 -0.81
C THR A 332 25.24 6.16 -0.65
N VAL A 333 25.26 4.83 -0.80
CA VAL A 333 24.07 3.95 -0.59
C VAL A 333 24.09 3.43 0.84
N THR A 334 23.04 3.74 1.60
CA THR A 334 22.81 3.20 2.96
C THR A 334 21.52 2.40 2.91
N SER A 335 21.47 1.31 3.65
CA SER A 335 20.27 0.45 3.63
C SER A 335 20.14 -0.33 4.93
N THR A 336 18.89 -0.60 5.27
CA THR A 336 18.50 -1.45 6.40
C THR A 336 17.63 -2.56 5.82
N TYR A 337 18.03 -3.83 5.98
CA TYR A 337 17.32 -4.94 5.31
C TYR A 337 17.25 -6.15 6.25
N HIS A 338 16.03 -6.64 6.45
CA HIS A 338 15.75 -7.81 7.33
C HIS A 338 15.68 -9.02 6.41
N TYR A 339 16.57 -9.98 6.58
CA TYR A 339 16.81 -10.96 5.48
C TYR A 339 16.65 -12.39 5.96
N ASP A 340 16.57 -12.61 7.26
CA ASP A 340 16.40 -13.98 7.78
C ASP A 340 15.69 -13.85 9.11
N GLN A 341 14.95 -14.87 9.49
CA GLN A 341 14.05 -14.78 10.65
C GLN A 341 13.84 -16.19 11.23
N GLU A 342 13.81 -16.28 12.55
CA GLU A 342 13.53 -17.54 13.28
C GLU A 342 12.40 -17.30 14.28
N VAL A 343 11.59 -18.33 14.48
CA VAL A 343 10.49 -18.29 15.47
C VAL A 343 10.63 -19.49 16.40
N HIS A 344 10.65 -19.23 17.68
CA HIS A 344 10.78 -20.30 18.71
C HIS A 344 9.73 -20.11 19.79
N VAL A 345 9.20 -21.22 20.30
CA VAL A 345 8.43 -21.23 21.57
C VAL A 345 9.45 -21.37 22.69
N VAL A 346 9.44 -20.43 23.64
CA VAL A 346 10.40 -20.44 24.79
C VAL A 346 9.61 -20.47 26.08
N PRO A 347 10.10 -21.25 27.06
CA PRO A 347 9.42 -21.35 28.36
C PRO A 347 9.60 -20.06 29.15
N VAL A 348 8.66 -19.79 30.06
CA VAL A 348 8.69 -18.60 30.96
C VAL A 348 8.87 -19.10 32.40
N PHE B 26 -20.77 -6.62 18.07
CA PHE B 26 -21.61 -7.86 18.01
C PHE B 26 -22.33 -8.02 19.35
N GLU B 27 -23.66 -8.15 19.31
CA GLU B 27 -24.51 -8.43 20.49
C GLU B 27 -25.15 -9.80 20.30
N PRO B 28 -24.66 -10.86 20.99
CA PRO B 28 -25.16 -12.23 20.78
C PRO B 28 -26.69 -12.32 20.92
N THR B 30 -29.87 -9.62 19.27
CA THR B 30 -30.20 -9.05 17.93
C THR B 30 -29.43 -9.79 16.80
N ASP B 31 -28.20 -10.24 17.02
CA ASP B 31 -27.22 -10.50 15.92
C ASP B 31 -26.95 -11.99 15.72
N SER B 32 -27.52 -12.89 16.54
CA SER B 32 -27.28 -14.36 16.41
C SER B 32 -27.63 -14.82 15.01
N PRO B 33 -26.70 -15.46 14.27
CA PRO B 33 -27.04 -15.94 12.92
C PRO B 33 -27.71 -17.32 12.99
N LEU B 34 -28.63 -17.59 12.05
CA LEU B 34 -29.20 -18.95 11.90
C LEU B 34 -28.15 -19.85 11.29
N PRO B 35 -27.93 -21.04 11.88
CA PRO B 35 -26.93 -21.97 11.36
C PRO B 35 -27.35 -22.55 10.01
N VAL B 36 -26.35 -22.78 9.16
N VAL B 36 -26.36 -22.77 9.16
CA VAL B 36 -26.58 -23.44 7.84
CA VAL B 36 -26.54 -23.45 7.85
C VAL B 36 -26.35 -24.93 8.02
C VAL B 36 -26.37 -24.94 8.07
N PRO B 37 -27.28 -25.79 7.55
CA PRO B 37 -27.08 -27.24 7.64
C PRO B 37 -25.79 -27.72 6.97
N GLY B 38 -25.12 -28.69 7.60
CA GLY B 38 -23.96 -29.42 7.06
C GLY B 38 -22.65 -28.82 7.51
N VAL B 39 -22.69 -27.67 8.20
CA VAL B 39 -21.52 -26.93 8.74
C VAL B 39 -21.35 -27.25 10.23
N GLN B 40 -20.11 -27.35 10.70
CA GLN B 40 -19.81 -27.59 12.14
C GLN B 40 -20.04 -26.30 12.93
N TYR B 41 -20.70 -26.41 14.06
CA TYR B 41 -20.93 -25.31 15.02
C TYR B 41 -20.61 -25.77 16.44
N PHE B 42 -20.14 -24.82 17.25
CA PHE B 42 -20.27 -24.87 18.73
C PHE B 42 -21.64 -24.30 19.08
N LEU B 43 -22.30 -24.80 20.11
CA LEU B 43 -23.59 -24.25 20.57
C LEU B 43 -23.40 -23.63 21.96
N GLN B 44 -23.76 -22.37 22.10
CA GLN B 44 -23.56 -21.64 23.37
C GLN B 44 -24.90 -21.12 23.86
N HIS B 45 -25.20 -21.40 25.12
CA HIS B 45 -26.33 -20.78 25.85
C HIS B 45 -25.92 -19.33 26.12
N VAL B 46 -26.61 -18.37 25.51
CA VAL B 46 -26.13 -16.96 25.42
C VAL B 46 -25.98 -16.41 26.84
N GLN B 47 -26.98 -16.60 27.67
CA GLN B 47 -27.01 -15.88 28.97
C GLN B 47 -25.91 -16.40 29.90
N SER B 48 -25.62 -17.70 29.93
CA SER B 48 -24.64 -18.33 30.84
C SER B 48 -23.24 -18.33 30.20
N GLY B 49 -23.18 -18.23 28.87
CA GLY B 49 -21.93 -18.38 28.11
C GLY B 49 -21.46 -19.83 28.05
N LYS B 50 -22.28 -20.77 28.51
CA LYS B 50 -21.85 -22.19 28.57
CA LYS B 50 -21.87 -22.19 28.58
C LYS B 50 -22.13 -22.88 27.24
N TYR B 51 -21.28 -23.83 26.90
CA TYR B 51 -21.40 -24.59 25.64
C TYR B 51 -22.21 -25.84 25.88
N VAL B 52 -22.68 -26.41 24.77
CA VAL B 52 -23.40 -27.71 24.77
C VAL B 52 -22.35 -28.81 24.65
N HIS B 53 -22.31 -29.65 25.66
CA HIS B 53 -21.38 -30.80 25.77
C HIS B 53 -22.19 -32.07 25.93
N PRO B 54 -21.66 -33.21 25.47
CA PRO B 54 -22.15 -34.49 25.98
C PRO B 54 -21.66 -34.61 27.43
N HIS B 55 -22.54 -35.04 28.34
CA HIS B 55 -22.14 -35.27 29.74
C HIS B 55 -20.95 -36.23 29.77
N GLY B 56 -19.88 -35.86 30.48
CA GLY B 56 -18.64 -36.64 30.57
C GLY B 56 -17.62 -36.20 29.55
N GLY B 57 -18.06 -35.49 28.49
CA GLY B 57 -17.17 -34.83 27.53
C GLY B 57 -16.48 -35.78 26.56
N SER B 58 -17.02 -36.97 26.35
CA SER B 58 -16.38 -37.96 25.44
C SER B 58 -16.51 -37.53 23.96
N ASP B 59 -15.50 -37.88 23.16
CA ASP B 59 -15.59 -37.83 21.69
C ASP B 59 -16.54 -38.95 21.21
N MET B 60 -16.75 -40.00 22.02
CA MET B 60 -17.65 -41.11 21.66
C MET B 60 -18.64 -41.35 22.80
N PRO B 61 -19.60 -40.43 22.98
CA PRO B 61 -20.57 -40.55 24.06
C PRO B 61 -21.42 -41.81 23.86
N GLY B 62 -21.82 -42.41 24.98
CA GLY B 62 -22.68 -43.60 24.95
C GLY B 62 -24.09 -43.22 24.51
N ASN B 63 -24.82 -44.17 23.94
CA ASN B 63 -26.27 -43.98 23.70
C ASN B 63 -26.96 -43.56 25.00
N ASP B 64 -27.83 -42.57 24.90
CA ASP B 64 -28.63 -42.00 26.02
C ASP B 64 -27.74 -41.17 26.96
N THR B 65 -26.55 -40.74 26.53
CA THR B 65 -25.77 -39.73 27.27
C THR B 65 -26.48 -38.37 27.14
N ALA B 66 -26.73 -37.69 28.25
CA ALA B 66 -27.42 -36.38 28.25
C ALA B 66 -26.54 -35.31 27.61
N LEU B 67 -27.16 -34.38 26.91
CA LEU B 67 -26.57 -33.07 26.59
C LEU B 67 -26.60 -32.22 27.87
N VAL B 68 -25.51 -31.53 28.15
CA VAL B 68 -25.48 -30.57 29.29
C VAL B 68 -24.87 -29.25 28.82
N LEU B 69 -25.03 -28.23 29.65
CA LEU B 69 -24.28 -26.96 29.52
C LEU B 69 -23.02 -27.05 30.39
N HIS B 70 -21.91 -26.55 29.89
CA HIS B 70 -20.62 -26.59 30.61
C HIS B 70 -19.74 -25.45 30.11
N HIS B 71 -19.05 -24.78 31.02
CA HIS B 71 -18.14 -23.66 30.69
C HIS B 71 -16.99 -24.11 29.79
N GLY B 72 -16.65 -25.40 29.81
CA GLY B 72 -15.44 -25.93 29.19
C GLY B 72 -15.42 -25.65 27.69
N PHE B 73 -14.29 -25.20 27.18
CA PHE B 73 -14.17 -24.88 25.74
C PHE B 73 -12.74 -25.03 25.28
N ASP B 74 -12.58 -25.65 24.12
CA ASP B 74 -11.31 -25.80 23.39
C ASP B 74 -11.71 -25.93 21.92
N GLU B 75 -11.31 -24.96 21.10
CA GLU B 75 -11.68 -24.90 19.67
C GLU B 75 -11.22 -26.20 18.98
N LYS B 76 -10.23 -26.93 19.50
CA LYS B 76 -9.71 -28.17 18.87
C LYS B 76 -10.47 -29.40 19.36
N ARG B 77 -11.42 -29.26 20.28
CA ARG B 77 -12.18 -30.43 20.80
C ARG B 77 -13.38 -30.74 19.90
N ASP B 78 -13.28 -31.77 19.07
CA ASP B 78 -14.37 -32.16 18.16
C ASP B 78 -15.61 -32.61 18.96
N ALA B 79 -15.47 -33.05 20.22
CA ALA B 79 -16.61 -33.46 21.06
C ALA B 79 -17.59 -32.30 21.27
N LEU B 80 -17.16 -31.05 21.06
CA LEU B 80 -18.02 -29.85 21.27
C LEU B 80 -18.68 -29.40 19.96
N ARG B 81 -18.44 -30.10 18.85
CA ARG B 81 -18.98 -29.70 17.52
C ARG B 81 -20.29 -30.42 17.26
N TRP B 82 -21.20 -29.70 16.65
CA TRP B 82 -22.58 -30.14 16.31
C TRP B 82 -22.89 -29.70 14.88
N VAL B 83 -23.64 -30.52 14.15
CA VAL B 83 -23.99 -30.26 12.74
C VAL B 83 -25.49 -30.42 12.60
N PHE B 84 -26.15 -29.39 12.12
CA PHE B 84 -27.58 -29.45 11.77
C PHE B 84 -27.67 -30.20 10.45
N VAL B 85 -28.57 -31.18 10.39
CA VAL B 85 -28.73 -32.03 9.19
C VAL B 85 -30.16 -31.83 8.68
N ASN B 86 -30.32 -31.68 7.37
CA ASN B 86 -31.68 -31.55 6.80
C ASN B 86 -31.67 -32.11 5.38
N ASP B 87 -31.82 -33.42 5.28
CA ASP B 87 -31.84 -34.12 3.98
C ASP B 87 -32.88 -35.24 4.06
N ALA B 88 -33.07 -35.98 2.97
CA ALA B 88 -34.13 -37.02 2.88
C ALA B 88 -33.92 -38.11 3.94
N GLU B 89 -32.67 -38.41 4.30
CA GLU B 89 -32.31 -39.47 5.28
C GLU B 89 -32.43 -38.94 6.73
N ASN B 90 -32.28 -37.64 6.95
CA ASN B 90 -32.40 -37.05 8.30
C ASN B 90 -33.02 -35.66 8.17
N LYS B 91 -34.34 -35.55 8.29
CA LYS B 91 -35.05 -34.26 8.14
C LYS B 91 -35.05 -33.51 9.49
N HIS B 92 -34.48 -32.30 9.52
CA HIS B 92 -34.41 -31.43 10.73
C HIS B 92 -33.85 -32.21 11.94
N GLN B 93 -32.59 -32.60 11.87
CA GLN B 93 -31.93 -33.34 12.97
C GLN B 93 -30.64 -32.62 13.35
N LEU B 94 -30.02 -33.06 14.44
CA LEU B 94 -28.78 -32.45 14.96
C LEU B 94 -27.81 -33.58 15.24
N LYS B 95 -26.64 -33.52 14.62
CA LYS B 95 -25.62 -34.58 14.72
C LYS B 95 -24.46 -34.12 15.63
N HIS B 96 -24.03 -35.00 16.51
CA HIS B 96 -22.77 -34.86 17.29
C HIS B 96 -21.62 -35.14 16.32
N TYR B 97 -20.79 -34.14 16.04
CA TYR B 97 -19.75 -34.25 14.99
C TYR B 97 -18.78 -35.42 15.24
N SER B 98 -18.22 -35.52 16.44
CA SER B 98 -17.12 -36.49 16.71
C SER B 98 -17.63 -37.93 16.67
N SER B 99 -18.90 -38.18 17.02
CA SER B 99 -19.48 -39.54 17.19
C SER B 99 -20.33 -39.94 15.98
N GLY B 100 -20.89 -38.97 15.24
CA GLY B 100 -21.91 -39.23 14.21
C GLY B 100 -23.27 -39.59 14.80
N LYS B 101 -23.43 -39.54 16.12
CA LYS B 101 -24.71 -39.83 16.80
C LYS B 101 -25.61 -38.60 16.70
N PHE B 102 -26.91 -38.79 16.83
CA PHE B 102 -27.94 -37.73 16.68
C PHE B 102 -28.48 -37.36 18.05
N VAL B 103 -29.08 -36.18 18.11
CA VAL B 103 -29.68 -35.67 19.36
C VAL B 103 -31.14 -36.11 19.39
N HIS B 104 -31.47 -36.96 20.35
CA HIS B 104 -32.83 -37.51 20.55
C HIS B 104 -33.40 -37.04 21.87
N PRO B 105 -34.73 -37.05 22.00
CA PRO B 105 -35.39 -36.92 23.29
C PRO B 105 -35.26 -38.30 23.96
N LYS B 106 -34.90 -38.33 25.23
CA LYS B 106 -34.73 -39.61 25.98
C LYS B 106 -36.05 -40.39 25.90
N GLY B 107 -35.98 -41.63 25.42
CA GLY B 107 -37.17 -42.50 25.29
C GLY B 107 -37.78 -42.45 23.89
N GLY B 108 -37.33 -41.52 23.04
CA GLY B 108 -37.63 -41.51 21.61
C GLY B 108 -38.75 -40.56 21.19
N LYS B 109 -39.39 -39.84 22.12
CA LYS B 109 -40.47 -38.90 21.75
C LYS B 109 -40.31 -37.59 22.50
N VAL B 110 -40.38 -36.46 21.78
CA VAL B 110 -40.38 -35.16 22.49
C VAL B 110 -41.62 -35.04 23.37
N GLY B 111 -41.43 -34.50 24.57
CA GLY B 111 -42.50 -34.26 25.54
C GLY B 111 -41.94 -33.46 26.69
N LYS B 112 -42.81 -33.03 27.59
CA LYS B 112 -42.38 -32.18 28.73
C LYS B 112 -41.26 -32.88 29.52
N GLU B 113 -40.16 -32.17 29.74
CA GLU B 113 -38.98 -32.57 30.53
C GLU B 113 -38.24 -33.76 29.88
N ALA B 114 -38.47 -34.08 28.61
CA ALA B 114 -37.68 -35.13 27.96
C ALA B 114 -36.23 -34.61 27.81
N THR B 115 -35.28 -35.32 28.38
CA THR B 115 -33.84 -34.96 28.36
C THR B 115 -33.30 -35.11 26.94
N LEU B 116 -32.57 -34.12 26.43
CA LEU B 116 -31.82 -34.32 25.16
C LEU B 116 -30.66 -35.29 25.42
N VAL B 117 -30.52 -36.28 24.54
CA VAL B 117 -29.45 -37.29 24.67
C VAL B 117 -28.86 -37.50 23.28
N VAL B 118 -27.64 -38.03 23.24
N VAL B 118 -27.65 -38.07 23.26
CA VAL B 118 -27.05 -38.54 21.97
CA VAL B 118 -26.95 -38.57 22.05
C VAL B 118 -27.44 -40.01 21.82
C VAL B 118 -27.38 -40.02 21.84
N HIS B 119 -27.64 -40.44 20.59
CA HIS B 119 -28.06 -41.82 20.30
C HIS B 119 -27.70 -42.11 18.86
N SER B 120 -27.18 -43.31 18.61
CA SER B 120 -26.70 -43.74 17.27
C SER B 120 -27.84 -43.82 16.23
N SER B 121 -29.09 -43.97 16.64
CA SER B 121 -30.21 -44.20 15.71
C SER B 121 -30.46 -42.94 14.89
N PRO B 122 -30.94 -43.10 13.65
CA PRO B 122 -31.42 -41.99 12.85
C PRO B 122 -32.55 -41.24 13.56
N GLY B 123 -32.65 -39.95 13.28
CA GLY B 123 -33.78 -39.13 13.77
C GLY B 123 -35.10 -39.52 13.10
N ARG B 124 -36.20 -39.11 13.70
CA ARG B 124 -37.57 -39.34 13.17
C ARG B 124 -38.33 -38.03 13.29
N PRO B 125 -39.58 -37.92 12.77
CA PRO B 125 -40.33 -36.69 12.96
C PRO B 125 -40.44 -36.28 14.44
N GLU B 126 -40.64 -37.25 15.35
CA GLU B 126 -40.88 -36.95 16.78
C GLU B 126 -39.54 -36.64 17.47
N THR B 127 -38.42 -36.61 16.74
CA THR B 127 -37.10 -36.19 17.31
C THR B 127 -36.56 -34.93 16.63
N MET B 128 -37.32 -34.32 15.72
CA MET B 128 -36.76 -33.19 14.95
C MET B 128 -36.29 -32.08 15.88
N ILE B 129 -35.17 -31.47 15.54
CA ILE B 129 -34.61 -30.32 16.31
C ILE B 129 -33.95 -29.39 15.30
N GLU B 130 -34.19 -28.10 15.45
CA GLU B 130 -33.51 -27.11 14.61
C GLU B 130 -33.38 -25.81 15.37
N MET B 131 -32.51 -24.94 14.88
CA MET B 131 -32.41 -23.56 15.40
C MET B 131 -33.44 -22.71 14.66
N VAL B 132 -34.20 -21.91 15.39
CA VAL B 132 -35.24 -21.01 14.84
C VAL B 132 -35.01 -19.61 15.38
N GLN B 133 -35.53 -18.61 14.66
CA GLN B 133 -35.54 -17.22 15.15
C GLN B 133 -36.95 -16.90 15.69
N GLU B 134 -37.04 -16.41 16.92
CA GLU B 134 -38.32 -15.93 17.51
C GLU B 134 -38.02 -14.60 18.14
N ASP B 135 -38.69 -13.54 17.68
N ASP B 135 -38.70 -13.54 17.70
CA ASP B 135 -38.62 -12.19 18.29
CA ASP B 135 -38.59 -12.19 18.33
C ASP B 135 -37.15 -11.77 18.42
C ASP B 135 -37.13 -11.76 18.43
N GLY B 136 -36.33 -11.96 17.37
CA GLY B 136 -34.97 -11.41 17.28
C GLY B 136 -33.87 -12.25 17.92
N ARG B 137 -34.21 -13.40 18.53
CA ARG B 137 -33.19 -14.30 19.13
CA ARG B 137 -33.19 -14.30 19.13
C ARG B 137 -33.32 -15.68 18.48
N THR B 138 -32.29 -16.51 18.62
CA THR B 138 -32.27 -17.89 18.08
C THR B 138 -32.44 -18.88 19.24
N TYR B 139 -33.30 -19.86 19.05
CA TYR B 139 -33.61 -20.90 20.05
C TYR B 139 -33.51 -22.26 19.38
N LEU B 140 -33.35 -23.31 20.19
CA LEU B 140 -33.46 -24.68 19.68
C LEU B 140 -34.89 -25.15 19.90
N ARG B 141 -35.52 -25.62 18.84
CA ARG B 141 -36.96 -26.00 18.87
CA ARG B 141 -36.95 -26.01 18.88
C ARG B 141 -37.16 -27.39 18.27
N HIS B 142 -38.09 -28.14 18.84
CA HIS B 142 -38.60 -29.38 18.23
C HIS B 142 -39.54 -28.96 17.09
N THR B 143 -39.08 -29.12 15.84
CA THR B 143 -39.85 -28.77 14.62
C THR B 143 -41.29 -29.30 14.74
N ASP B 144 -42.25 -28.49 14.31
CA ASP B 144 -43.69 -28.84 14.23
C ASP B 144 -44.26 -28.99 15.65
N SER B 145 -43.66 -28.34 16.64
CA SER B 145 -44.17 -28.33 18.02
C SER B 145 -43.88 -26.99 18.67
N ASP B 146 -44.50 -26.76 19.82
CA ASP B 146 -44.16 -25.58 20.68
C ASP B 146 -43.17 -25.98 21.79
N TYR B 147 -42.47 -27.11 21.66
CA TYR B 147 -41.44 -27.55 22.63
C TYR B 147 -40.09 -26.97 22.21
N TYR B 148 -39.46 -26.26 23.14
CA TYR B 148 -38.11 -25.67 22.96
C TYR B 148 -37.14 -26.37 23.91
N VAL B 149 -35.85 -26.09 23.70
CA VAL B 149 -34.77 -26.62 24.58
C VAL B 149 -34.54 -25.63 25.72
N HIS B 150 -34.71 -26.13 26.93
CA HIS B 150 -34.52 -25.41 28.21
C HIS B 150 -33.41 -26.09 29.01
N PRO B 151 -32.68 -25.35 29.88
CA PRO B 151 -31.91 -26.00 30.92
C PRO B 151 -32.90 -26.58 31.94
N HIS B 152 -32.69 -27.82 32.38
CA HIS B 152 -33.54 -28.43 33.42
C HIS B 152 -33.52 -27.51 34.66
N GLY B 153 -34.69 -27.12 35.15
CA GLY B 153 -34.80 -26.21 36.30
C GLY B 153 -35.02 -24.78 35.89
N GLY B 154 -34.70 -24.43 34.64
CA GLY B 154 -35.10 -23.16 34.03
C GLY B 154 -34.25 -21.97 34.46
N SER B 155 -33.09 -22.18 35.07
CA SER B 155 -32.22 -21.06 35.51
C SER B 155 -31.83 -20.23 34.31
N PRO B 156 -31.81 -18.89 34.42
CA PRO B 156 -31.24 -18.06 33.36
C PRO B 156 -29.72 -18.21 33.28
N ASN B 157 -29.08 -18.71 34.35
CA ASN B 157 -27.61 -18.88 34.39
C ASN B 157 -27.27 -20.22 35.01
N PRO B 158 -27.59 -21.32 34.31
CA PRO B 158 -27.42 -22.65 34.88
C PRO B 158 -25.96 -23.01 35.12
N GLY B 159 -25.71 -23.81 36.16
CA GLY B 159 -24.38 -24.31 36.51
C GLY B 159 -23.91 -25.38 35.56
N ASP B 160 -22.62 -25.66 35.60
CA ASP B 160 -21.99 -26.74 34.83
C ASP B 160 -22.76 -28.05 35.05
N ASN B 161 -22.89 -28.84 33.98
CA ASN B 161 -23.52 -30.18 33.95
C ASN B 161 -25.03 -30.08 34.15
N THR B 162 -25.63 -28.91 33.97
CA THR B 162 -27.11 -28.82 33.90
C THR B 162 -27.56 -29.51 32.61
N ARG B 163 -28.43 -30.50 32.71
CA ARG B 163 -28.99 -31.21 31.54
C ARG B 163 -29.93 -30.28 30.75
N LEU B 164 -29.98 -30.49 29.43
CA LEU B 164 -30.95 -29.82 28.54
C LEU B 164 -32.17 -30.72 28.35
N VAL B 165 -33.34 -30.11 28.36
CA VAL B 165 -34.65 -30.81 28.27
C VAL B 165 -35.55 -30.08 27.28
N TYR B 166 -36.54 -30.80 26.79
CA TYR B 166 -37.65 -30.20 26.01
C TYR B 166 -38.70 -29.72 27.00
N TYR B 167 -39.26 -28.56 26.73
CA TYR B 167 -40.33 -27.95 27.53
C TYR B 167 -41.10 -26.97 26.66
N SER B 168 -42.41 -26.86 26.90
CA SER B 168 -43.28 -25.98 26.09
C SER B 168 -42.91 -24.53 26.29
N GLY B 169 -42.85 -23.77 25.18
CA GLY B 169 -42.71 -22.31 25.20
C GLY B 169 -41.26 -21.87 25.30
N TYR B 170 -41.03 -20.59 25.12
CA TYR B 170 -39.68 -20.01 25.16
C TYR B 170 -39.73 -18.68 25.91
N ARG B 171 -38.55 -18.24 26.30
CA ARG B 171 -38.30 -16.94 26.93
C ARG B 171 -36.86 -16.57 26.61
N PRO B 172 -36.49 -15.28 26.63
CA PRO B 172 -35.16 -14.87 26.13
C PRO B 172 -33.95 -15.56 26.76
N SER B 173 -34.03 -15.97 28.03
CA SER B 173 -32.89 -16.65 28.73
C SER B 173 -32.55 -17.98 28.05
N LEU B 174 -33.45 -18.53 27.22
CA LEU B 174 -33.26 -19.86 26.60
C LEU B 174 -32.45 -19.76 25.30
N ALA B 175 -32.13 -18.57 24.83
CA ALA B 175 -31.51 -18.40 23.49
C ALA B 175 -30.14 -19.07 23.42
N PHE B 176 -29.85 -19.62 22.24
CA PHE B 176 -28.55 -20.22 21.87
C PHE B 176 -27.90 -19.40 20.76
N LEU B 177 -26.57 -19.46 20.71
CA LEU B 177 -25.74 -18.93 19.62
C LEU B 177 -25.01 -20.10 18.98
N ALA B 178 -25.17 -20.26 17.67
CA ALA B 178 -24.41 -21.26 16.89
C ALA B 178 -23.16 -20.56 16.37
N ILE B 179 -22.02 -20.93 16.94
CA ILE B 179 -20.69 -20.32 16.62
C ILE B 179 -20.04 -21.20 15.57
N PRO B 180 -19.68 -20.68 14.38
CA PRO B 180 -19.09 -21.55 13.36
C PRO B 180 -17.79 -22.18 13.88
N ALA B 181 -17.57 -23.45 13.55
CA ALA B 181 -16.49 -24.28 14.13
C ALA B 181 -15.62 -24.89 13.03
N GLU B 182 -15.71 -24.38 11.81
CA GLU B 182 -14.82 -24.79 10.71
C GLU B 182 -14.69 -23.62 9.76
N THR B 183 -13.64 -23.64 8.95
CA THR B 183 -13.36 -22.56 7.97
C THR B 183 -13.86 -23.00 6.59
N LEU B 184 -14.67 -22.16 5.94
CA LEU B 184 -15.27 -22.43 4.62
C LEU B 184 -14.51 -21.61 3.57
N PHE B 185 -14.65 -22.05 2.31
CA PHE B 185 -14.17 -21.35 1.11
C PHE B 185 -15.34 -20.57 0.51
N VAL B 186 -15.09 -19.33 0.11
CA VAL B 186 -16.08 -18.54 -0.66
C VAL B 186 -15.81 -18.80 -2.13
N ASP B 187 -16.68 -19.54 -2.77
CA ASP B 187 -16.51 -19.91 -4.21
C ASP B 187 -16.99 -18.75 -5.09
N ARG B 188 -18.16 -18.20 -4.82
CA ARG B 188 -18.78 -17.16 -5.68
C ARG B 188 -19.73 -16.30 -4.86
N ILE B 189 -19.96 -15.09 -5.34
CA ILE B 189 -21.09 -14.25 -4.88
C ILE B 189 -21.85 -13.83 -6.13
N GLU B 190 -23.10 -14.26 -6.27
CA GLU B 190 -23.93 -14.02 -7.46
C GLU B 190 -25.02 -13.02 -7.09
N ILE B 191 -24.99 -11.84 -7.69
CA ILE B 191 -26.07 -10.86 -7.34
C ILE B 191 -27.40 -11.30 -7.96
N HIS B 192 -28.49 -10.88 -7.33
CA HIS B 192 -29.87 -10.98 -7.85
C HIS B 192 -30.07 -9.83 -8.83
N GLN B 193 -29.81 -10.07 -10.11
CA GLN B 193 -29.65 -8.99 -11.13
C GLN B 193 -30.92 -8.13 -11.21
N ALA B 194 -32.09 -8.73 -11.03
CA ALA B 194 -33.39 -8.05 -11.14
C ALA B 194 -33.55 -7.04 -9.99
N GLN B 195 -32.81 -7.21 -8.90
CA GLN B 195 -32.99 -6.41 -7.66
C GLN B 195 -31.85 -5.39 -7.52
N ALA B 196 -30.87 -5.40 -8.41
CA ALA B 196 -29.69 -4.49 -8.35
C ALA B 196 -30.11 -3.07 -8.73
N LEU B 197 -29.69 -2.09 -7.93
CA LEU B 197 -29.90 -0.65 -8.17
C LEU B 197 -28.55 0.02 -8.45
N GLU B 198 -28.47 0.84 -9.48
CA GLU B 198 -27.23 1.55 -9.84
C GLU B 198 -27.52 3.06 -9.89
N SER B 199 -26.65 3.85 -9.27
N SER B 199 -26.66 3.85 -9.24
CA SER B 199 -26.64 5.34 -9.35
CA SER B 199 -26.63 5.33 -9.35
C SER B 199 -25.36 5.70 -10.12
C SER B 199 -25.36 5.67 -10.15
N ILE B 200 -25.52 6.24 -11.33
CA ILE B 200 -24.36 6.54 -12.24
C ILE B 200 -24.21 8.05 -12.33
N ASN B 201 -23.00 8.54 -12.07
CA ASN B 201 -22.70 9.99 -12.07
C ASN B 201 -21.31 10.17 -12.63
N THR B 202 -21.12 11.23 -13.41
CA THR B 202 -19.79 11.60 -13.88
C THR B 202 -19.08 12.43 -12.81
N ILE B 203 -17.84 12.07 -12.56
CA ILE B 203 -16.88 12.85 -11.73
C ILE B 203 -15.99 13.59 -12.73
N THR B 204 -15.95 14.91 -12.63
CA THR B 204 -15.22 15.76 -13.59
C THR B 204 -14.06 16.45 -12.89
N SER B 205 -12.86 16.32 -13.45
CA SER B 205 -11.64 17.00 -12.95
C SER B 205 -10.97 17.81 -14.05
N LEU B 206 -10.31 18.90 -13.68
CA LEU B 206 -9.48 19.74 -14.60
C LEU B 206 -8.04 19.72 -14.12
N SER B 207 -7.12 19.68 -15.07
CA SER B 207 -5.67 19.82 -14.84
C SER B 207 -5.37 21.29 -14.61
N ASP B 208 -4.11 21.53 -14.23
CA ASP B 208 -3.45 22.86 -14.29
C ASP B 208 -3.55 23.38 -15.72
N GLU B 209 -3.50 24.71 -15.87
CA GLU B 209 -3.51 25.41 -17.18
C GLU B 209 -2.10 25.39 -17.76
N HIS B 210 -1.98 25.16 -19.07
CA HIS B 210 -0.69 25.14 -19.83
C HIS B 210 -0.79 26.12 -20.99
N ARG B 211 0.21 26.99 -21.12
CA ARG B 211 0.21 28.07 -22.13
C ARG B 211 1.33 27.83 -23.14
N ASN B 212 1.04 28.01 -24.42
CA ASN B 212 2.05 28.02 -25.50
C ASN B 212 2.27 29.49 -25.88
N ASP B 213 3.31 30.12 -25.33
CA ASP B 213 3.62 31.55 -25.64
C ASP B 213 4.55 31.64 -26.84
N THR B 214 4.56 30.65 -27.74
CA THR B 214 5.32 30.69 -29.01
C THR B 214 4.33 30.87 -30.17
N ASP B 215 4.86 31.10 -31.38
CA ASP B 215 4.03 31.36 -32.58
C ASP B 215 3.89 30.07 -33.43
N GLN B 216 4.20 28.90 -32.88
CA GLN B 216 4.01 27.61 -33.59
C GLN B 216 3.36 26.62 -32.64
N PRO B 217 2.56 25.66 -33.15
CA PRO B 217 1.95 24.65 -32.29
C PRO B 217 3.06 23.87 -31.58
N VAL B 218 2.78 23.48 -30.33
CA VAL B 218 3.75 22.68 -29.55
C VAL B 218 3.06 21.38 -29.13
N GLN B 219 3.65 20.25 -29.54
CA GLN B 219 3.23 18.89 -29.15
C GLN B 219 3.85 18.60 -27.79
N THR B 220 3.03 18.39 -26.78
CA THR B 220 3.53 18.16 -25.41
C THR B 220 2.58 17.18 -24.72
N SER B 221 2.65 17.15 -23.40
CA SER B 221 1.82 16.25 -22.56
C SER B 221 1.40 17.02 -21.31
N ILE B 222 0.22 16.73 -20.80
CA ILE B 222 -0.32 17.34 -19.55
C ILE B 222 -0.62 16.20 -18.59
N SER B 223 -0.19 16.34 -17.34
N SER B 223 -0.21 16.35 -17.34
CA SER B 223 -0.34 15.30 -16.28
CA SER B 223 -0.37 15.30 -16.31
C SER B 223 -1.31 15.78 -15.20
C SER B 223 -1.33 15.78 -15.23
N VAL B 224 -2.09 14.84 -14.66
CA VAL B 224 -3.03 15.08 -13.53
C VAL B 224 -3.05 13.82 -12.67
N ALA B 225 -3.20 14.01 -11.35
CA ALA B 225 -3.32 12.96 -10.32
C ALA B 225 -4.73 13.00 -9.72
N LEU B 226 -5.46 11.87 -9.72
CA LEU B 226 -6.93 11.83 -9.41
C LEU B 226 -7.24 10.76 -8.34
N GLU B 227 -6.23 10.32 -7.58
CA GLU B 227 -6.39 9.21 -6.59
C GLU B 227 -7.59 9.47 -5.63
N GLU B 228 -7.67 10.66 -5.04
CA GLU B 228 -8.68 10.98 -3.99
C GLU B 228 -10.09 11.05 -4.60
N SER B 229 -10.25 11.48 -5.85
CA SER B 229 -11.61 11.65 -6.45
C SER B 229 -12.16 10.35 -7.05
N LEU B 230 -11.32 9.34 -7.34
CA LEU B 230 -11.76 8.12 -8.06
C LEU B 230 -11.55 6.89 -7.17
N GLN B 231 -11.77 7.02 -5.86
CA GLN B 231 -11.58 5.91 -4.89
C GLN B 231 -12.71 4.88 -5.08
N ASP B 232 -12.35 3.63 -5.34
CA ASP B 232 -13.36 2.53 -5.45
C ASP B 232 -13.57 1.93 -4.04
N SER B 233 -14.75 1.37 -3.80
CA SER B 233 -15.07 0.75 -2.49
C SER B 233 -16.07 -0.39 -2.69
N ALA B 234 -16.12 -1.32 -1.74
CA ALA B 234 -17.12 -2.40 -1.78
C ALA B 234 -17.29 -2.92 -0.36
N GLN B 235 -18.48 -3.39 -0.05
CA GLN B 235 -18.75 -4.02 1.25
C GLN B 235 -19.83 -5.08 1.08
N LEU B 236 -19.77 -6.11 1.93
CA LEU B 236 -20.89 -7.04 2.17
C LEU B 236 -21.59 -6.66 3.47
N SER B 237 -22.92 -6.75 3.49
CA SER B 237 -23.70 -6.46 4.70
C SER B 237 -24.68 -7.59 4.95
N PHE B 238 -25.04 -7.80 6.22
CA PHE B 238 -25.88 -8.92 6.69
C PHE B 238 -26.90 -8.37 7.69
N GLU B 239 -28.11 -8.94 7.72
CA GLU B 239 -29.17 -8.47 8.65
C GLU B 239 -28.69 -8.63 10.10
N ARG B 240 -28.09 -9.78 10.41
CA ARG B 240 -27.63 -10.14 11.77
C ARG B 240 -26.10 -10.11 11.83
N CYS B 241 -25.45 -11.15 11.36
CA CYS B 241 -23.97 -11.15 11.12
C CYS B 241 -23.70 -12.20 10.05
N PHE B 242 -22.52 -12.17 9.48
CA PHE B 242 -22.11 -13.14 8.43
C PHE B 242 -22.36 -14.56 8.97
N GLY B 243 -21.80 -14.87 10.14
CA GLY B 243 -22.07 -16.13 10.85
C GLY B 243 -21.21 -17.29 10.38
N LEU B 244 -20.26 -17.06 9.48
CA LEU B 244 -19.39 -18.15 8.94
C LEU B 244 -17.94 -17.70 9.01
N LYS B 245 -17.03 -18.66 9.21
CA LYS B 245 -15.57 -18.41 9.24
C LYS B 245 -15.01 -18.71 7.86
N VAL B 246 -14.26 -17.78 7.29
CA VAL B 246 -13.66 -17.95 5.94
C VAL B 246 -12.20 -17.50 5.96
N GLY B 247 -11.62 -17.22 7.12
CA GLY B 247 -10.21 -16.77 7.18
C GLY B 247 -10.15 -15.25 7.05
N SER B 248 -8.94 -14.70 7.05
CA SER B 248 -8.69 -13.26 7.27
C SER B 248 -8.95 -12.49 5.98
N GLU B 249 -8.79 -13.14 4.84
CA GLU B 249 -8.94 -12.50 3.51
C GLU B 249 -9.52 -13.51 2.54
N PHE B 250 -10.43 -13.06 1.68
CA PHE B 250 -10.92 -13.85 0.53
C PHE B 250 -11.21 -12.93 -0.64
N GLU B 251 -11.08 -13.44 -1.86
CA GLU B 251 -11.29 -12.63 -3.07
C GLU B 251 -12.37 -13.29 -3.93
N VAL B 252 -13.25 -12.49 -4.52
CA VAL B 252 -14.28 -12.97 -5.48
C VAL B 252 -14.51 -11.88 -6.53
N GLY B 253 -14.95 -12.29 -7.72
CA GLY B 253 -15.40 -11.35 -8.76
C GLY B 253 -16.80 -10.87 -8.45
N LEU B 254 -17.07 -9.56 -8.61
CA LEU B 254 -18.42 -8.99 -8.43
C LEU B 254 -18.74 -8.07 -9.62
N PRO B 255 -20.02 -7.99 -10.03
CA PRO B 255 -20.45 -7.10 -11.12
C PRO B 255 -20.64 -5.67 -10.60
N LEU B 256 -19.59 -4.86 -10.63
CA LEU B 256 -19.59 -3.53 -9.97
C LEU B 256 -20.23 -2.49 -10.87
N VAL B 257 -20.36 -2.74 -12.16
CA VAL B 257 -21.16 -1.88 -13.09
C VAL B 257 -21.71 -2.78 -14.18
N GLY B 258 -23.03 -2.78 -14.33
CA GLY B 258 -23.73 -3.74 -15.23
C GLY B 258 -23.27 -5.15 -14.91
N LYS B 259 -22.83 -5.90 -15.94
CA LYS B 259 -22.31 -7.28 -15.75
C LYS B 259 -20.77 -7.30 -15.66
N THR B 260 -20.11 -6.14 -15.64
CA THR B 260 -18.62 -6.08 -15.62
C THR B 260 -18.11 -6.61 -14.28
N LYS B 261 -17.33 -7.69 -14.32
CA LYS B 261 -16.83 -8.37 -13.10
C LYS B 261 -15.50 -7.75 -12.70
N VAL B 262 -15.37 -7.42 -11.43
CA VAL B 262 -14.11 -6.88 -10.84
C VAL B 262 -13.78 -7.72 -9.61
N SER B 263 -12.51 -8.10 -9.45
CA SER B 263 -12.06 -8.86 -8.26
C SER B 263 -12.04 -7.93 -7.05
N VAL B 264 -12.60 -8.40 -5.94
CA VAL B 264 -12.66 -7.65 -4.66
C VAL B 264 -12.17 -8.59 -3.57
N GLN B 265 -11.26 -8.11 -2.72
CA GLN B 265 -10.69 -8.88 -1.59
C GLN B 265 -11.33 -8.35 -0.31
N PHE B 266 -12.02 -9.24 0.40
CA PHE B 266 -12.76 -8.90 1.63
C PHE B 266 -12.03 -9.43 2.85
N SER B 267 -12.12 -8.67 3.94
CA SER B 267 -11.51 -9.04 5.23
CA SER B 267 -11.51 -9.05 5.24
C SER B 267 -12.50 -8.76 6.36
N GLY B 268 -12.96 -9.81 7.01
CA GLY B 268 -13.90 -9.63 8.12
C GLY B 268 -13.81 -10.79 9.09
N SER B 269 -14.85 -10.96 9.88
CA SER B 269 -14.98 -12.07 10.86
C SER B 269 -16.42 -12.53 10.81
N TRP B 270 -16.69 -13.69 11.40
CA TRP B 270 -18.07 -14.26 11.39
C TRP B 270 -19.03 -13.33 12.14
N LYS B 271 -18.52 -12.52 13.06
CA LYS B 271 -19.39 -11.62 13.88
C LYS B 271 -19.70 -10.31 13.15
N SER B 272 -19.06 -10.07 12.00
CA SER B 272 -19.23 -8.85 11.17
C SER B 272 -20.66 -8.77 10.63
N SER B 273 -21.31 -7.60 10.75
CA SER B 273 -22.54 -7.26 10.00
C SER B 273 -22.16 -6.51 8.72
N THR B 274 -20.94 -6.00 8.65
CA THR B 274 -20.39 -5.24 7.50
C THR B 274 -18.96 -5.69 7.23
N ILE B 275 -18.69 -6.23 6.05
CA ILE B 275 -17.34 -6.74 5.68
C ILE B 275 -16.79 -5.83 4.60
N LYS B 276 -15.72 -5.12 4.91
CA LYS B 276 -15.11 -4.17 3.96
C LYS B 276 -14.32 -4.95 2.89
N GLY B 277 -14.40 -4.48 1.65
CA GLY B 277 -13.61 -5.03 0.53
C GLY B 277 -12.64 -4.00 -0.04
N GLU B 278 -11.59 -4.51 -0.66
CA GLU B 278 -10.60 -3.71 -1.45
C GLU B 278 -10.84 -4.10 -2.91
N VAL B 279 -11.18 -3.12 -3.76
CA VAL B 279 -11.37 -3.41 -5.21
C VAL B 279 -9.97 -3.53 -5.84
N ARG B 280 -9.68 -4.64 -6.51
CA ARG B 280 -8.29 -5.06 -6.82
C ARG B 280 -7.81 -4.41 -8.11
N THR B 281 -8.72 -4.16 -9.07
CA THR B 281 -8.33 -3.65 -10.42
C THR B 281 -9.24 -2.49 -10.85
N SER B 282 -8.83 -1.84 -11.93
CA SER B 282 -9.55 -0.71 -12.53
C SER B 282 -9.24 -0.64 -14.04
N ALA B 283 -10.20 -0.21 -14.86
CA ALA B 283 -9.94 0.16 -16.28
C ALA B 283 -9.90 1.68 -16.42
N VAL B 284 -9.79 2.44 -15.33
CA VAL B 284 -9.52 3.91 -15.42
C VAL B 284 -8.14 4.22 -14.84
N LYS B 285 -7.66 5.43 -15.10
CA LYS B 285 -6.35 5.92 -14.61
C LYS B 285 -6.60 6.91 -13.47
N VAL B 286 -5.74 6.87 -12.46
CA VAL B 286 -5.65 7.91 -11.41
C VAL B 286 -4.40 8.76 -11.65
N GLN B 287 -3.50 8.31 -12.54
CA GLN B 287 -2.30 9.07 -12.99
C GLN B 287 -2.40 9.23 -14.49
N ILE B 288 -2.66 10.45 -14.97
CA ILE B 288 -2.91 10.70 -16.41
C ILE B 288 -1.76 11.54 -16.95
N ASN B 289 -1.18 11.10 -18.07
CA ASN B 289 -0.18 11.90 -18.84
CA ASN B 289 -0.16 11.86 -18.85
C ASN B 289 -0.64 11.90 -20.30
N GLU B 290 -1.28 12.98 -20.73
CA GLU B 290 -2.02 13.03 -22.01
C GLU B 290 -1.21 13.81 -23.05
N HIS B 291 -1.02 13.23 -24.24
CA HIS B 291 -0.47 13.92 -25.44
C HIS B 291 -1.42 15.05 -25.82
N VAL B 292 -0.90 16.27 -25.93
CA VAL B 292 -1.69 17.46 -26.32
C VAL B 292 -0.86 18.27 -27.31
N THR B 293 -1.53 18.86 -28.28
CA THR B 293 -0.93 19.88 -29.18
C THR B 293 -1.54 21.20 -28.75
N ILE B 294 -0.73 22.16 -28.32
CA ILE B 294 -1.23 23.49 -27.87
C ILE B 294 -1.02 24.47 -29.00
N PRO B 295 -2.10 25.08 -29.54
CA PRO B 295 -1.97 26.02 -30.65
C PRO B 295 -1.16 27.25 -30.25
N PRO B 296 -0.59 27.97 -31.24
CA PRO B 296 0.19 29.17 -30.97
C PRO B 296 -0.60 30.17 -30.10
N GLY B 297 0.00 30.67 -29.01
CA GLY B 297 -0.56 31.77 -28.21
C GLY B 297 -1.69 31.35 -27.28
N LYS B 298 -2.07 30.06 -27.28
CA LYS B 298 -3.27 29.56 -26.57
C LYS B 298 -2.89 28.93 -25.23
N CYS B 299 -3.87 28.88 -24.32
CA CYS B 299 -3.78 28.24 -22.99
C CYS B 299 -4.89 27.19 -22.88
N VAL B 300 -4.53 25.98 -22.44
CA VAL B 300 -5.50 24.84 -22.38
C VAL B 300 -5.35 24.12 -21.05
N GLN B 301 -6.32 23.26 -20.77
CA GLN B 301 -6.20 22.27 -19.66
C GLN B 301 -6.80 20.96 -20.18
N ILE B 302 -6.55 19.87 -19.49
CA ILE B 302 -7.30 18.63 -19.81
C ILE B 302 -8.45 18.52 -18.83
N ARG B 303 -9.58 18.09 -19.35
CA ARG B 303 -10.78 17.76 -18.55
C ARG B 303 -10.88 16.25 -18.54
N ILE B 304 -10.96 15.67 -17.34
CA ILE B 304 -11.13 14.21 -17.17
CA ILE B 304 -11.12 14.21 -17.15
C ILE B 304 -12.57 13.97 -16.71
N ASP B 305 -13.30 13.15 -17.45
CA ASP B 305 -14.67 12.75 -17.09
C ASP B 305 -14.62 11.26 -16.78
N THR B 306 -14.96 10.88 -15.55
CA THR B 306 -14.90 9.46 -15.14
C THR B 306 -16.28 9.10 -14.59
N ARG B 307 -16.87 8.02 -15.08
CA ARG B 307 -18.19 7.58 -14.56
C ARG B 307 -18.00 6.84 -13.24
N ARG B 308 -18.88 7.11 -12.29
CA ARG B 308 -18.96 6.42 -10.98
C ARG B 308 -20.29 5.66 -10.94
N CYS B 309 -20.21 4.37 -10.63
CA CYS B 309 -21.40 3.53 -10.42
C CYS B 309 -21.45 3.17 -8.95
N THR B 310 -22.46 3.69 -8.22
CA THR B 310 -22.74 3.25 -6.85
C THR B 310 -23.89 2.27 -6.91
N LYS B 311 -23.68 1.05 -6.44
CA LYS B 311 -24.59 -0.06 -6.72
C LYS B 311 -24.94 -0.73 -5.39
N THR B 312 -26.19 -1.12 -5.25
CA THR B 312 -26.65 -1.96 -4.12
C THR B 312 -27.32 -3.18 -4.73
N ALA B 313 -26.96 -4.38 -4.29
CA ALA B 313 -27.55 -5.58 -4.88
C ALA B 313 -27.62 -6.65 -3.82
N PRO B 314 -28.83 -7.17 -3.54
CA PRO B 314 -28.96 -8.43 -2.82
C PRO B 314 -28.20 -9.50 -3.60
N ALA B 315 -27.66 -10.51 -2.93
CA ALA B 315 -26.81 -11.53 -3.58
C ALA B 315 -26.83 -12.83 -2.78
N THR B 316 -26.44 -13.92 -3.40
CA THR B 316 -26.21 -15.21 -2.74
C THR B 316 -24.71 -15.49 -2.71
N MET B 317 -24.17 -15.79 -1.53
CA MET B 317 -22.78 -16.30 -1.40
C MET B 317 -22.83 -17.83 -1.52
N TYR B 318 -21.95 -18.37 -2.34
CA TYR B 318 -21.78 -19.83 -2.53
C TYR B 318 -20.50 -20.21 -1.80
N LEU B 319 -20.63 -20.98 -0.73
CA LEU B 319 -19.47 -21.39 0.09
C LEU B 319 -19.36 -22.90 0.09
N ARG B 320 -18.20 -23.39 0.52
CA ARG B 320 -17.90 -24.82 0.48
C ARG B 320 -17.07 -25.21 1.70
N THR B 321 -17.34 -26.38 2.28
CA THR B 321 -16.55 -26.94 3.40
C THR B 321 -15.34 -27.68 2.84
N ALA B 322 -14.33 -27.92 3.67
CA ALA B 322 -13.14 -28.71 3.27
C ALA B 322 -13.61 -30.10 2.81
N SER B 323 -14.70 -30.61 3.38
CA SER B 323 -15.32 -31.93 3.12
C SER B 323 -16.12 -31.89 1.81
N GLY B 324 -16.20 -30.71 1.15
CA GLY B 324 -16.84 -30.53 -0.16
C GLY B 324 -18.35 -30.33 -0.09
N ILE B 325 -18.92 -30.02 1.08
CA ILE B 325 -20.36 -29.69 1.22
C ILE B 325 -20.56 -28.24 0.74
N GLU B 326 -21.52 -28.03 -0.15
CA GLU B 326 -21.78 -26.68 -0.71
C GLU B 326 -22.95 -26.08 0.06
N VAL B 327 -22.78 -24.87 0.57
CA VAL B 327 -23.82 -24.12 1.33
C VAL B 327 -23.94 -22.69 0.79
N GLN B 328 -25.00 -21.99 1.18
CA GLN B 328 -25.33 -20.64 0.63
C GLN B 328 -25.73 -19.73 1.78
N ARG B 329 -25.42 -18.45 1.65
CA ARG B 329 -25.77 -17.37 2.61
C ARG B 329 -26.20 -16.16 1.79
N GLU B 330 -27.32 -15.52 2.13
CA GLU B 330 -27.71 -14.23 1.49
C GLU B 330 -26.85 -13.10 2.04
N THR B 331 -26.59 -12.10 1.20
CA THR B 331 -25.86 -10.88 1.60
C THR B 331 -26.36 -9.72 0.75
N THR B 332 -25.87 -8.53 1.03
CA THR B 332 -26.09 -7.33 0.21
C THR B 332 -24.71 -6.80 -0.16
N VAL B 333 -24.46 -6.63 -1.46
CA VAL B 333 -23.21 -5.99 -1.98
C VAL B 333 -23.46 -4.52 -2.23
N THR B 334 -22.68 -3.63 -1.61
CA THR B 334 -22.70 -2.18 -1.87
C THR B 334 -21.32 -1.82 -2.41
N SER B 335 -21.26 -1.06 -3.49
CA SER B 335 -19.97 -0.79 -4.13
C SER B 335 -20.00 0.58 -4.79
N THR B 336 -18.82 1.19 -4.89
CA THR B 336 -18.59 2.40 -5.70
C THR B 336 -17.44 2.07 -6.63
N TYR B 337 -17.65 2.17 -7.94
CA TYR B 337 -16.66 1.76 -8.94
C TYR B 337 -16.60 2.78 -10.07
N HIS B 338 -15.39 3.17 -10.46
CA HIS B 338 -15.15 4.13 -11.56
C HIS B 338 -14.84 3.39 -12.87
N TYR B 339 -15.34 3.90 -13.99
CA TYR B 339 -15.23 3.26 -15.32
C TYR B 339 -15.46 4.31 -16.42
N ASP B 340 -15.22 3.94 -17.69
CA ASP B 340 -15.59 4.77 -18.87
C ASP B 340 -14.97 6.16 -18.73
N GLN B 341 -13.65 6.24 -18.54
CA GLN B 341 -12.95 7.52 -18.38
C GLN B 341 -12.71 8.15 -19.75
N GLU B 342 -12.84 9.47 -19.83
CA GLU B 342 -12.56 10.25 -21.06
C GLU B 342 -11.62 11.40 -20.73
N VAL B 343 -10.80 11.79 -21.69
CA VAL B 343 -9.88 12.94 -21.53
C VAL B 343 -10.09 13.87 -22.73
N HIS B 344 -10.32 15.14 -22.48
CA HIS B 344 -10.45 16.15 -23.57
C HIS B 344 -9.56 17.35 -23.26
N VAL B 345 -8.97 17.93 -24.30
CA VAL B 345 -8.23 19.21 -24.17
C VAL B 345 -9.27 20.32 -24.31
N VAL B 346 -9.33 21.23 -23.34
CA VAL B 346 -10.33 22.34 -23.32
C VAL B 346 -9.58 23.65 -23.24
N PRO B 347 -10.06 24.68 -23.97
CA PRO B 347 -9.47 26.01 -23.92
C PRO B 347 -9.72 26.66 -22.55
N VAL B 348 -8.79 27.51 -22.13
CA VAL B 348 -8.90 28.35 -20.91
C VAL B 348 -9.26 29.77 -21.36
O5 A2G C . 15.81 39.20 -24.02
C1 A2G C . 14.41 39.32 -24.26
O1 A2G C . 13.93 40.52 -23.71
C2 A2G C . 13.60 38.17 -23.65
N2 A2G C . 12.18 38.32 -23.82
C3 A2G C . 13.94 38.03 -22.16
O3 A2G C . 13.26 36.94 -21.54
C4 A2G C . 15.44 37.87 -21.98
O4 A2G C . 15.85 36.65 -22.59
C5 A2G C . 16.15 39.05 -22.62
C6 A2G C . 17.67 38.92 -22.53
O6 A2G C . 18.32 40.11 -22.96
C7 A2G C . 11.41 37.42 -24.43
O7 A2G C . 11.90 36.48 -25.06
C8 A2G C . 9.94 37.65 -24.35
H1 A2G C . 14.25 39.34 -25.23
HO1 A2G C . 13.33 40.28 -23.14
H2 A2G C . 13.88 37.34 -24.10
HN2 A2G C . 11.80 39.06 -23.51
H3 A2G C . 13.66 38.87 -21.71
HO3 A2G C . 13.44 36.88 -20.78
H4 A2G C . 15.66 37.84 -21.02
HO4 A2G C . 16.72 36.59 -22.50
H5 A2G C . 15.88 39.86 -22.14
H61 A2G C . 17.96 38.17 -23.08
H81 A2G C . 9.75 38.43 -23.80
H82 A2G C . 9.52 36.87 -23.93
H83 A2G C . 9.57 37.78 -25.24
H62 A2G C . 17.92 38.72 -21.60
HO6 A2G C . 19.14 40.02 -22.91
O5 A2G D . 37.34 36.37 -30.21
C1 A2G D . 38.06 35.93 -31.36
O1 A2G D . 37.30 36.21 -32.50
C2 A2G D . 38.34 34.44 -31.36
N2 A2G D . 38.93 34.01 -32.62
C3 A2G D . 37.06 33.66 -31.09
O3 A2G D . 37.35 32.27 -30.95
C4 A2G D . 36.38 34.19 -29.84
O4 A2G D . 37.26 33.98 -28.74
C5 A2G D . 36.09 35.67 -30.02
C6 A2G D . 35.38 36.32 -28.86
O6 A2G D . 35.20 37.73 -29.09
C7 A2G D . 40.13 33.41 -32.70
O7 A2G D . 40.94 33.42 -31.78
C8 A2G D . 40.42 32.74 -34.02
H1 A2G D . 38.91 36.42 -31.41
HO1 A2G D . 37.20 35.51 -32.94
H2 A2G D . 38.98 34.25 -30.63
HN2 A2G D . 38.49 34.16 -33.36
H3 A2G D . 36.45 33.79 -31.86
HO3 A2G D . 36.59 31.87 -30.84
H4 A2G D . 35.54 33.70 -29.68
HO4 A2G D . 36.93 34.29 -28.04
H5 A2G D . 35.54 35.79 -30.84
H61 A2G D . 35.92 36.19 -28.04
H81 A2G D . 39.69 32.87 -34.63
H82 A2G D . 40.55 31.79 -33.87
H83 A2G D . 41.23 33.11 -34.40
H62 A2G D . 34.51 35.90 -28.72
HO6 A2G D . 34.83 38.03 -28.38
O5 A2G E . 32.42 45.71 -10.43
C1 A2G E . 32.86 46.48 -9.31
O1 A2G E . 33.95 47.26 -9.71
C2 A2G E . 33.34 45.62 -8.13
N2 A2G E . 33.95 46.41 -7.08
C3 A2G E . 34.33 44.56 -8.59
O3 A2G E . 34.71 43.68 -7.53
C4 A2G E . 33.73 43.77 -9.74
O4 A2G E . 32.56 43.11 -9.29
C5 A2G E . 33.38 44.74 -10.88
C6 A2G E . 32.75 44.05 -12.07
O6 A2G E . 32.39 44.99 -13.07
C7 A2G E . 33.44 46.49 -5.84
O7 A2G E . 32.38 45.95 -5.54
C8 A2G E . 34.23 47.27 -4.85
H1 A2G E . 32.14 47.07 -9.00
HO1 A2G E . 34.63 47.07 -9.26
H2 A2G E . 32.55 45.16 -7.76
HN2 A2G E . 34.67 46.86 -7.26
H3 A2G E . 35.14 45.03 -8.91
HO3 A2G E . 35.25 43.14 -7.82
H4 A2G E . 34.38 43.11 -10.07
HO4 A2G E . 32.22 42.66 -9.93
H5 A2G E . 34.20 45.20 -11.18
H61 A2G E . 31.95 43.57 -11.77
H81 A2G E . 35.06 47.59 -5.26
H82 A2G E . 34.46 46.70 -4.08
H83 A2G E . 33.72 48.04 -4.55
H62 A2G E . 33.38 43.40 -12.44
HO6 A2G E . 32.03 44.56 -13.74
C1 NGA F . 38.04 35.97 -31.40
C2 NGA F . 38.31 34.47 -31.37
C3 NGA F . 37.04 33.68 -31.10
C4 NGA F . 36.37 34.22 -29.84
C5 NGA F . 36.12 35.71 -30.03
C6 NGA F . 35.37 36.31 -28.84
C7 NGA F . 40.04 33.35 -32.67
C8 NGA F . 40.39 32.72 -33.99
N2 NGA F . 38.87 33.97 -32.62
O1 NGA F . 39.26 36.70 -31.55
O3 NGA F . 37.35 32.30 -30.91
O4 NGA F . 37.27 33.98 -28.75
O5 NGA F . 37.38 36.38 -30.20
O6 NGA F . 35.18 37.71 -29.09
O7 NGA F . 40.81 33.24 -31.72
H1 NGA F . 37.44 36.16 -32.18
H2 NGA F . 38.95 34.29 -30.64
H3 NGA F . 36.41 33.79 -31.86
H4 NGA F . 35.51 33.75 -29.69
H5 NGA F . 35.56 35.82 -30.84
H61 NGA F . 35.90 36.18 -28.02
H62 NGA F . 34.50 35.86 -28.72
H81 NGA F . 40.39 33.41 -34.70
H82 NGA F . 41.28 32.31 -33.93
H83 NGA F . 39.71 32.02 -34.20
HN2 NGA F . 38.36 34.03 -33.37
HO1 NGA F . 39.72 36.35 -32.15
HO3 NGA F . 36.61 31.84 -30.81
HO4 NGA F . 36.94 34.30 -28.04
HO6 NGA F . 34.83 38.03 -28.37
CL CL G . 29.37 39.29 -1.17
O5 A2G H . -17.16 -33.52 31.09
C1 A2G H . -15.82 -33.47 31.56
O1 A2G H . -15.83 -33.02 32.89
C2 A2G H . -14.95 -32.56 30.69
N2 A2G H . -13.58 -32.45 31.17
C3 A2G H . -15.58 -31.17 30.56
O3 A2G H . -14.85 -30.27 29.72
C4 A2G H . -17.01 -31.30 30.05
O4 A2G H . -16.95 -31.81 28.71
C5 A2G H . -17.78 -32.20 31.00
C6 A2G H . -19.23 -32.36 30.58
O6 A2G H . -19.98 -33.17 31.45
C7 A2G H . -12.52 -32.77 30.42
O7 A2G H . -12.65 -33.37 29.35
C8 A2G H . -11.17 -32.39 30.96
H1 A2G H . -15.44 -34.37 31.54
HO1 A2G H . -15.31 -32.31 32.87
H2 A2G H . -14.92 -32.95 29.78
HN2 A2G H . -13.44 -32.17 31.98
H3 A2G H . -15.61 -30.78 31.48
HO3 A2G H . -15.18 -29.57 29.71
H4 A2G H . -17.43 -30.41 30.03
HO4 A2G H . -17.78 -31.92 28.46
H5 A2G H . -17.76 -31.79 31.90
H61 A2G H . -19.25 -32.76 29.68
H81 A2G H . -11.29 -31.89 31.78
H82 A2G H . -10.71 -31.83 30.31
H83 A2G H . -10.65 -33.19 31.12
H62 A2G H . -19.65 -31.48 30.52
HO6 A2G H . -20.76 -33.24 31.21
O5 A2G I . -37.87 -25.23 34.60
C1 A2G I . -38.83 -24.44 35.30
O1 A2G I . -39.85 -25.27 35.75
C2 A2G I . -39.43 -23.35 34.42
N2 A2G I . -40.48 -22.55 35.02
C3 A2G I . -39.93 -23.94 33.10
O3 A2G I . -40.38 -22.91 32.23
C4 A2G I . -38.83 -24.75 32.43
O4 A2G I . -37.71 -23.94 32.08
C5 A2G I . -38.36 -25.84 33.40
C6 A2G I . -37.22 -26.65 32.81
O6 A2G I . -36.90 -27.78 33.64
C7 A2G I . -40.57 -21.21 34.91
O7 A2G I . -39.66 -20.53 34.47
C8 A2G I . -41.86 -20.60 35.37
H1 A2G I . -38.39 -24.01 36.07
HO1 A2G I . -40.58 -25.02 35.41
H2 A2G I . -38.71 -22.72 34.19
HN2 A2G I . -41.10 -22.96 35.48
H3 A2G I . -40.70 -24.54 33.30
HO3 A2G I . -40.63 -23.19 31.53
H4 A2G I . -39.20 -25.18 31.61
HO4 A2G I . -37.14 -24.37 31.71
H5 A2G I . -39.11 -26.43 33.61
H61 A2G I . -36.43 -26.08 32.73
H81 A2G I . -42.45 -21.29 35.72
H82 A2G I . -42.30 -20.15 34.62
H83 A2G I . -41.68 -19.94 36.07
H62 A2G I . -37.47 -26.96 31.92
HO6 A2G I . -36.30 -28.21 33.33
O5 A2G J . -35.11 -43.80 22.56
C1 A2G J . -35.53 -45.07 22.08
O1 A2G J . -34.71 -46.05 22.63
C2 A2G J . -35.49 -45.13 20.54
N2 A2G J . -35.78 -46.48 20.07
C3 A2G J . -34.15 -44.63 20.01
O3 A2G J . -34.16 -44.54 18.59
C4 A2G J . -33.82 -43.27 20.59
O4 A2G J . -34.78 -42.32 20.11
C5 A2G J . -33.81 -43.39 22.10
C6 A2G J . -33.47 -42.11 22.82
O6 A2G J . -33.47 -42.29 24.23
C7 A2G J . -36.72 -46.79 19.17
O7 A2G J . -37.54 -45.96 18.77
C8 A2G J . -36.71 -48.20 18.68
H1 A2G J . -36.45 -45.23 22.37
HO1 A2G J . -34.33 -46.46 21.90
H2 A2G J . -36.20 -44.53 20.21
HN2 A2G J . -35.31 -47.14 20.41
H3 A2G J . -33.45 -45.27 20.27
HO3 A2G J . -33.45 -44.31 18.33
H4 A2G J . -32.91 -42.99 20.29
HO4 A2G J . -34.61 -41.59 20.50
H5 A2G J . -33.15 -44.08 22.36
H61 A2G J . -34.12 -41.42 22.58
H81 A2G J . -36.01 -48.70 19.14
H82 A2G J . -36.54 -48.21 17.72
H83 A2G J . -37.57 -48.62 18.86
H62 A2G J . -32.58 -41.80 22.53
HO6 A2G J . -33.34 -41.51 24.61
C1 NGA K . -35.45 -45.16 22.10
C2 NGA K . -35.46 -45.15 20.56
C3 NGA K . -34.13 -44.66 20.01
C4 NGA K . -33.77 -43.32 20.65
C5 NGA K . -33.80 -43.51 22.16
C6 NGA K . -33.34 -42.26 22.88
C7 NGA K . -36.57 -46.72 19.04
C8 NGA K . -36.68 -48.17 18.66
N2 NGA K . -35.73 -46.48 20.06
O1 NGA K . -36.70 -45.56 22.66
O3 NGA K . -34.18 -44.48 18.60
O4 NGA K . -34.73 -42.34 20.20
O5 NGA K . -35.11 -43.87 22.58
O6 NGA K . -34.13 -41.19 22.35
O7 NGA K . -37.20 -45.84 18.45
H1 NGA K . -34.74 -45.81 22.39
H2 NGA K . -36.19 -44.54 20.26
H3 NGA K . -33.42 -45.31 20.25
H4 NGA K . -32.87 -43.06 20.36
H5 NGA K . -33.17 -44.25 22.39
H61 NGA K . -32.37 -42.10 22.72
H62 NGA K . -33.49 -42.35 23.85
H81 NGA K . -36.91 -48.70 19.45
H82 NGA K . -37.38 -48.27 17.97
H83 NGA K . -35.81 -48.47 18.30
HN2 NGA K . -35.30 -47.17 20.44
HO1 NGA K . -37.08 -46.09 22.15
HO3 NGA K . -33.46 -44.29 18.31
HO4 NGA K . -34.60 -41.62 20.55
HO6 NGA K . -33.83 -40.42 22.71
NA NA L . -36.02 -35.66 31.93
NA NA M . -18.32 -4.46 -19.39
#